data_6LTW
#
_entry.id   6LTW
#
_cell.length_a   62.877
_cell.length_b   100.360
_cell.length_c   66.842
_cell.angle_alpha   90.000
_cell.angle_beta   95.860
_cell.angle_gamma   90.000
#
_symmetry.space_group_name_H-M   'P 1 21 1'
#
loop_
_entity.id
_entity.type
_entity.pdbx_description
1 polymer 'S-adenosylmethionine synthase'
2 non-polymer 'MAGNESIUM ION'
3 non-polymer 'PHOSPHATE ION'
4 water water
#
_entity_poly.entity_id   1
_entity_poly.type   'polypeptide(L)'
_entity_poly.pdbx_seq_one_letter_code
;MAHHHHHHMDSSRLSGNKSTYTDLQTTSEQFLFSSESVCSGHPDKLCDQISDAILDACLEQDPESFVACETCTKTGFIMV
FGEITTKANVNYERVVRETVKEIGYDSEEKGLDYKTMDVIIKLEQQSNQAAGCVHVDKNVEDIGAGDQGMMFGYATNETK
ELMPLTHVLATSITRELDYIRMKGVSSRVGWLRPDGKAQVTVEYNCKHGVLIPKRIHTILVSVQHDENIENEEIREFVLE
NVIKKVCPSDLMDKETRILINPSGRFTIGGPAADAGLTGRKIIVDTYGGWGAHGGGAFSGKDATKVDRSGAYMARLVAKS
IVFSGLCSRCLVQVSYGAGIARPLSLYINTFGTAKDGYNDTKLLEIVNKVFDFRPGILIKQLNLKSPIFKKTSSGGHFGR
SEKEFLWEKPIILQ
;
_entity_poly.pdbx_strand_id   A,B
#
loop_
_chem_comp.id
_chem_comp.type
_chem_comp.name
_chem_comp.formula
MG non-polymer 'MAGNESIUM ION' 'Mg 2'
PO4 non-polymer 'PHOSPHATE ION' 'O4 P -3'
#
# COMPACT_ATOMS: atom_id res chain seq x y z
N GLU A 29 -22.89 16.04 6.81
CA GLU A 29 -22.71 16.69 8.18
C GLU A 29 -21.51 16.05 8.86
N GLN A 30 -21.77 15.18 9.83
CA GLN A 30 -20.72 14.69 10.69
C GLN A 30 -20.31 13.30 10.26
N PHE A 31 -19.05 12.93 10.52
CA PHE A 31 -18.61 11.60 10.23
C PHE A 31 -17.35 11.30 11.05
N LEU A 32 -17.04 10.03 11.19
CA LEU A 32 -15.86 9.51 11.89
C LEU A 32 -14.84 9.02 10.86
N PHE A 33 -13.54 9.27 11.10
CA PHE A 33 -12.49 8.73 10.23
C PHE A 33 -11.31 8.45 11.09
N SER A 34 -10.58 7.34 10.72
CA SER A 34 -9.44 6.87 11.47
C SER A 34 -8.17 6.83 10.62
N SER A 35 -7.05 7.13 11.25
CA SER A 35 -5.72 6.85 10.67
C SER A 35 -4.85 6.21 11.72
N GLU A 36 -3.78 5.48 11.25
CA GLU A 36 -2.86 4.85 12.16
C GLU A 36 -1.40 5.22 11.90
N SER A 37 -0.63 4.95 12.90
CA SER A 37 0.86 4.95 12.77
C SER A 37 1.42 3.80 13.57
N VAL A 38 2.71 3.49 13.36
CA VAL A 38 3.39 2.50 14.11
C VAL A 38 4.74 3.07 14.60
N CYS A 39 5.24 2.48 15.68
CA CYS A 39 6.55 2.82 16.22
C CYS A 39 7.69 2.40 15.34
N SER A 40 8.85 3.03 15.50
CA SER A 40 10.01 2.70 14.69
C SER A 40 10.46 1.24 14.86
N GLY A 41 10.14 0.60 15.98
CA GLY A 41 10.45 -0.80 16.17
C GLY A 41 9.39 -1.75 15.70
N HIS A 42 8.32 -1.25 15.10
CA HIS A 42 7.35 -2.19 14.42
C HIS A 42 8.17 -2.93 13.34
N PRO A 43 8.04 -4.26 13.21
CA PRO A 43 8.95 -4.97 12.30
C PRO A 43 8.98 -4.57 10.85
N ASP A 44 7.85 -4.11 10.35
CA ASP A 44 7.79 -3.61 9.00
C ASP A 44 8.55 -2.27 8.91
N LYS A 45 8.34 -1.41 9.90
CA LYS A 45 9.04 -0.10 9.90
C LYS A 45 10.61 -0.25 10.11
N LEU A 46 11.00 -1.28 10.86
CA LEU A 46 12.39 -1.58 11.11
C LEU A 46 12.97 -1.88 9.75
N CYS A 47 12.24 -2.64 8.93
CA CYS A 47 12.76 -2.99 7.61
C CYS A 47 12.92 -1.75 6.67
N ASP A 48 11.92 -0.87 6.73
CA ASP A 48 12.01 0.40 5.98
C ASP A 48 13.30 1.19 6.38
N GLN A 49 13.53 1.23 7.67
CA GLN A 49 14.67 2.09 8.18
C GLN A 49 16.00 1.45 7.79
N ILE A 50 16.08 0.14 7.86
CA ILE A 50 17.32 -0.55 7.38
C ILE A 50 17.51 -0.23 5.88
N SER A 51 16.49 -0.47 5.05
CA SER A 51 16.56 -0.15 3.66
C SER A 51 17.06 1.26 3.33
N ASP A 52 16.52 2.24 4.06
CA ASP A 52 16.95 3.63 3.88
C ASP A 52 18.34 3.91 4.50
N ALA A 53 18.68 3.25 5.58
CA ALA A 53 20.04 3.45 6.21
C ALA A 53 21.06 2.96 5.18
N ILE A 54 20.75 1.87 4.49
CA ILE A 54 21.67 1.38 3.40
C ILE A 54 21.69 2.30 2.16
N LEU A 55 20.54 2.79 1.75
CA LEU A 55 20.47 3.80 0.72
C LEU A 55 21.40 5.03 1.09
N ASP A 56 21.22 5.56 2.30
CA ASP A 56 22.00 6.76 2.72
C ASP A 56 23.52 6.43 2.72
N ALA A 57 23.84 5.26 3.22
CA ALA A 57 25.28 4.86 3.26
C ALA A 57 25.85 4.82 1.84
N CYS A 58 25.10 4.39 0.82
CA CYS A 58 25.56 4.46 -0.51
C CYS A 58 25.72 5.87 -1.04
N LEU A 59 24.67 6.69 -0.84
CA LEU A 59 24.68 8.02 -1.33
C LEU A 59 25.82 8.89 -0.70
N GLU A 60 26.16 8.61 0.54
CA GLU A 60 27.17 9.40 1.24
C GLU A 60 28.50 9.36 0.45
N GLN A 61 28.77 8.21 -0.13
CA GLN A 61 30.01 8.02 -0.86
C GLN A 61 29.87 8.24 -2.33
N ASP A 62 28.68 7.97 -2.85
CA ASP A 62 28.42 7.97 -4.30
C ASP A 62 26.98 8.42 -4.60
N PRO A 63 26.82 9.71 -4.86
CA PRO A 63 25.49 10.32 -5.08
C PRO A 63 24.76 9.75 -6.30
N GLU A 64 25.48 9.08 -7.23
CA GLU A 64 24.86 8.53 -8.44
C GLU A 64 24.41 7.10 -8.24
N SER A 65 24.48 6.59 -7.00
CA SER A 65 24.17 5.18 -6.73
C SER A 65 22.74 4.77 -7.16
N PHE A 66 22.54 3.58 -7.72
CA PHE A 66 21.21 3.07 -7.91
C PHE A 66 20.96 2.06 -6.80
N VAL A 67 19.81 2.12 -6.13
CA VAL A 67 19.54 1.29 -4.97
C VAL A 67 18.06 0.85 -5.05
N ALA A 68 17.88 -0.46 -4.89
CA ALA A 68 16.55 -1.10 -4.77
C ALA A 68 16.69 -2.07 -3.67
N CYS A 69 16.74 -1.63 -2.42
CA CYS A 69 17.12 -2.49 -1.31
C CYS A 69 15.99 -2.88 -0.41
N GLU A 70 15.63 -4.16 -0.45
CA GLU A 70 14.52 -4.72 0.33
C GLU A 70 15.09 -5.38 1.55
N THR A 71 14.34 -5.32 2.61
CA THR A 71 14.70 -5.96 3.89
C THR A 71 13.54 -6.77 4.42
N CYS A 72 13.83 -7.96 4.99
CA CYS A 72 12.83 -8.71 5.70
C CYS A 72 13.40 -9.30 6.98
N THR A 73 12.49 -9.63 7.85
CA THR A 73 12.84 -10.07 9.18
C THR A 73 11.82 -11.03 9.77
N LYS A 74 12.32 -11.92 10.59
CA LYS A 74 11.53 -12.77 11.50
C LYS A 74 12.55 -13.23 12.58
N THR A 75 12.11 -14.05 13.50
CA THR A 75 12.91 -14.44 14.66
C THR A 75 14.35 -14.69 14.31
N GLY A 76 15.23 -13.95 14.95
CA GLY A 76 16.67 -14.12 14.87
C GLY A 76 17.38 -13.72 13.60
N PHE A 77 16.68 -13.13 12.61
CA PHE A 77 17.40 -12.74 11.45
C PHE A 77 16.90 -11.50 10.74
N ILE A 78 17.82 -10.90 10.02
CA ILE A 78 17.51 -9.89 9.04
C ILE A 78 18.09 -10.32 7.71
N MET A 79 17.30 -10.26 6.67
CA MET A 79 17.78 -10.45 5.32
C MET A 79 17.59 -9.24 4.40
N VAL A 80 18.68 -8.81 3.77
CA VAL A 80 18.70 -7.69 2.83
C VAL A 80 18.90 -8.23 1.44
N PHE A 81 18.03 -7.86 0.54
CA PHE A 81 18.04 -8.40 -0.79
C PHE A 81 17.64 -7.39 -1.86
N GLY A 82 18.04 -7.59 -3.11
CA GLY A 82 17.71 -6.67 -4.14
C GLY A 82 18.91 -6.24 -4.94
N GLU A 83 18.95 -5.03 -5.45
CA GLU A 83 19.95 -4.68 -6.44
C GLU A 83 20.57 -3.32 -6.10
N ILE A 84 21.90 -3.17 -6.14
CA ILE A 84 22.53 -1.89 -5.87
C ILE A 84 23.66 -1.71 -6.88
N THR A 85 23.70 -0.59 -7.55
CA THR A 85 24.88 -0.27 -8.40
C THR A 85 25.54 0.95 -7.79
N THR A 86 26.77 0.79 -7.22
CA THR A 86 27.35 1.88 -6.51
C THR A 86 28.89 1.78 -6.55
N LYS A 87 29.52 2.94 -6.50
CA LYS A 87 30.99 3.00 -6.18
C LYS A 87 31.26 2.97 -4.73
N ALA A 88 30.26 3.23 -3.87
CA ALA A 88 30.48 3.19 -2.43
C ALA A 88 30.99 1.82 -1.99
N ASN A 89 31.77 1.86 -0.92
CA ASN A 89 32.19 0.68 -0.22
C ASN A 89 31.52 0.67 1.15
N VAL A 90 30.43 -0.06 1.23
CA VAL A 90 29.60 -0.07 2.43
C VAL A 90 29.68 -1.43 3.09
N ASN A 91 29.89 -1.42 4.37
CA ASN A 91 29.77 -2.64 5.15
C ASN A 91 28.32 -2.83 5.48
N TYR A 92 27.60 -3.57 4.64
CA TYR A 92 26.12 -3.71 4.84
C TYR A 92 25.70 -4.32 6.17
N GLU A 93 26.41 -5.36 6.62
CA GLU A 93 26.10 -6.00 7.90
C GLU A 93 26.23 -4.99 9.05
N ARG A 94 27.26 -4.21 9.06
CA ARG A 94 27.45 -3.24 10.12
C ARG A 94 26.32 -2.19 10.14
N VAL A 95 25.97 -1.68 8.97
CA VAL A 95 24.88 -0.72 8.87
C VAL A 95 23.57 -1.35 9.42
N VAL A 96 23.35 -2.65 9.14
CA VAL A 96 22.13 -3.30 9.57
C VAL A 96 22.16 -3.38 11.13
N ARG A 97 23.28 -3.85 11.69
CA ARG A 97 23.43 -3.96 13.14
C ARG A 97 23.31 -2.63 13.82
N GLU A 98 23.95 -1.59 13.29
CA GLU A 98 23.90 -0.31 13.99
C GLU A 98 22.51 0.28 13.96
N THR A 99 21.77 0.08 12.84
CA THR A 99 20.38 0.53 12.74
C THR A 99 19.51 -0.13 13.74
N VAL A 100 19.65 -1.44 13.92
CA VAL A 100 18.85 -2.19 14.84
C VAL A 100 19.13 -1.81 16.29
N LYS A 101 20.41 -1.64 16.56
CA LYS A 101 20.86 -1.13 17.84
C LYS A 101 20.25 0.18 18.18
N GLU A 102 20.31 1.14 17.26
CA GLU A 102 19.75 2.47 17.51
C GLU A 102 18.24 2.44 17.81
N ILE A 103 17.52 1.55 17.15
CA ILE A 103 16.10 1.39 17.40
C ILE A 103 15.82 0.72 18.78
N GLY A 104 16.82 0.04 19.38
CA GLY A 104 16.68 -0.53 20.72
C GLY A 104 16.43 -2.03 20.79
N TYR A 105 16.62 -2.78 19.69
CA TYR A 105 16.51 -4.27 19.70
C TYR A 105 17.89 -4.85 20.10
N ASP A 106 18.05 -5.03 21.42
CA ASP A 106 19.35 -5.44 22.02
C ASP A 106 19.12 -6.61 22.95
N SER A 107 18.07 -7.38 22.72
CA SER A 107 17.71 -8.49 23.57
C SER A 107 16.73 -9.46 22.92
N GLU A 108 16.98 -10.76 23.04
CA GLU A 108 16.06 -11.69 22.41
C GLU A 108 14.63 -11.60 22.97
N GLU A 109 14.55 -11.31 24.26
CA GLU A 109 13.28 -11.13 24.98
C GLU A 109 12.45 -9.93 24.43
N LYS A 110 13.10 -8.94 23.86
CA LYS A 110 12.41 -7.80 23.22
C LYS A 110 11.97 -8.12 21.80
N GLY A 111 12.48 -9.19 21.22
CA GLY A 111 11.95 -9.66 19.91
C GLY A 111 13.04 -9.72 18.89
N LEU A 112 14.22 -9.17 19.22
CA LEU A 112 15.38 -9.16 18.35
C LEU A 112 16.59 -8.62 19.13
N ASP A 113 17.75 -9.20 18.86
CA ASP A 113 19.02 -8.71 19.41
C ASP A 113 20.06 -8.47 18.35
N TYR A 114 20.45 -7.22 18.12
CA TYR A 114 21.39 -6.89 17.06
C TYR A 114 22.75 -7.62 17.20
N LYS A 115 23.09 -8.03 18.43
CA LYS A 115 24.38 -8.69 18.74
C LYS A 115 24.39 -10.15 18.27
N THR A 116 23.26 -10.82 18.23
CA THR A 116 23.25 -12.24 17.99
C THR A 116 22.48 -12.62 16.72
N MET A 117 21.67 -11.70 16.19
CA MET A 117 20.89 -12.02 15.01
C MET A 117 21.78 -12.36 13.85
N ASP A 118 21.22 -13.18 12.98
CA ASP A 118 21.83 -13.43 11.69
C ASP A 118 21.53 -12.26 10.80
N VAL A 119 22.53 -11.84 10.06
CA VAL A 119 22.40 -10.85 8.96
C VAL A 119 22.80 -11.49 7.65
N ILE A 120 21.84 -11.62 6.74
CA ILE A 120 22.07 -12.25 5.47
C ILE A 120 21.98 -11.19 4.34
N ILE A 121 23.07 -10.98 3.61
CA ILE A 121 23.11 -9.99 2.54
C ILE A 121 23.05 -10.67 1.20
N LYS A 122 21.98 -10.44 0.47
CA LYS A 122 21.77 -11.01 -0.90
C LYS A 122 21.49 -9.95 -1.96
N LEU A 123 22.41 -9.05 -2.05
CA LEU A 123 22.33 -7.91 -2.93
C LEU A 123 23.07 -8.23 -4.23
N GLU A 124 22.53 -7.86 -5.39
CA GLU A 124 23.16 -8.03 -6.74
C GLU A 124 23.47 -6.70 -7.37
N GLN A 125 24.14 -6.69 -8.53
CA GLN A 125 24.81 -5.48 -9.09
C GLN A 125 24.33 -4.85 -10.43
N GLN A 126 23.42 -5.50 -11.20
CA GLN A 126 22.99 -4.98 -12.54
C GLN A 126 22.64 -6.11 -13.52
N CYS A 133 22.92 -2.14 -25.55
CA CYS A 133 23.34 -1.34 -24.43
C CYS A 133 24.05 -0.02 -24.90
N VAL A 134 24.04 0.29 -26.21
CA VAL A 134 24.22 1.69 -26.68
C VAL A 134 22.91 2.47 -26.44
N HIS A 135 23.03 3.65 -25.84
CA HIS A 135 21.88 4.58 -25.70
C HIS A 135 22.25 5.95 -26.36
N VAL A 136 21.28 6.56 -27.06
CA VAL A 136 21.48 7.91 -27.57
C VAL A 136 21.92 8.78 -26.33
N ASP A 137 22.79 9.79 -26.52
CA ASP A 137 23.21 10.75 -25.45
C ASP A 137 21.98 11.49 -25.02
N LYS A 138 21.89 11.79 -23.72
CA LYS A 138 20.66 12.31 -23.08
C LYS A 138 21.00 13.44 -22.13
N ASN A 139 20.31 14.57 -22.30
CA ASN A 139 20.39 15.67 -21.33
C ASN A 139 19.47 15.37 -20.09
N VAL A 140 19.52 16.22 -19.09
CA VAL A 140 18.67 15.89 -17.86
C VAL A 140 17.19 15.88 -18.20
N GLU A 141 16.71 16.81 -19.04
CA GLU A 141 15.33 16.84 -19.50
C GLU A 141 14.89 15.54 -20.18
N ASP A 142 15.84 14.70 -20.64
CA ASP A 142 15.52 13.61 -21.52
C ASP A 142 15.44 12.27 -20.77
N ILE A 143 15.97 12.24 -19.55
CA ILE A 143 16.09 11.03 -18.81
C ILE A 143 14.65 10.44 -18.57
N GLY A 144 14.49 9.18 -18.90
CA GLY A 144 13.13 8.54 -18.80
C GLY A 144 12.84 8.07 -17.42
N ALA A 145 11.54 7.93 -17.05
CA ALA A 145 11.25 7.26 -15.81
C ALA A 145 11.78 5.87 -15.85
N GLY A 146 12.17 5.36 -14.69
CA GLY A 146 12.73 4.01 -14.65
C GLY A 146 11.69 2.91 -14.64
N ASP A 147 10.44 3.32 -14.44
CA ASP A 147 9.37 2.30 -14.50
C ASP A 147 8.08 3.03 -14.81
N GLN A 148 7.03 2.29 -15.00
CA GLN A 148 5.69 2.83 -15.02
C GLN A 148 5.17 2.92 -13.59
N GLY A 149 3.98 3.47 -13.46
CA GLY A 149 3.27 3.51 -12.21
C GLY A 149 2.66 4.90 -12.00
N MET A 150 1.84 4.99 -10.97
CA MET A 150 1.21 6.25 -10.59
C MET A 150 1.54 6.63 -9.16
N MET A 151 1.48 7.95 -8.89
CA MET A 151 1.84 8.44 -7.54
C MET A 151 0.92 9.57 -7.19
N PHE A 152 0.50 9.65 -5.94
CA PHE A 152 -0.40 10.72 -5.56
C PHE A 152 0.27 11.60 -4.49
N GLY A 153 -0.15 12.86 -4.50
CA GLY A 153 0.16 13.84 -3.44
C GLY A 153 -1.14 14.43 -2.93
N TYR A 154 -1.12 14.81 -1.66
CA TYR A 154 -2.30 15.33 -1.01
C TYR A 154 -1.90 16.40 -0.02
N ALA A 155 -2.82 17.34 0.23
CA ALA A 155 -2.67 18.40 1.22
C ALA A 155 -4.03 18.88 1.65
N THR A 156 -4.07 19.31 2.88
CA THR A 156 -5.34 19.76 3.49
C THR A 156 -4.99 20.86 4.54
N ASN A 157 -5.83 21.88 4.61
CA ASN A 157 -5.55 23.02 5.55
C ASN A 157 -6.03 22.76 6.99
N GLU A 158 -6.31 21.49 7.34
CA GLU A 158 -6.67 21.08 8.70
C GLU A 158 -5.67 21.35 9.74
N THR A 159 -4.37 21.27 9.39
CA THR A 159 -3.29 21.34 10.32
C THR A 159 -2.21 22.28 9.76
N LYS A 160 -1.26 22.73 10.60
CA LYS A 160 -0.28 23.62 10.08
C LYS A 160 0.74 22.90 9.14
N GLU A 161 0.89 21.61 9.31
CA GLU A 161 1.65 20.68 8.49
C GLU A 161 0.99 20.48 7.09
N LEU A 162 -0.24 20.89 6.94
CA LEU A 162 -1.10 20.74 5.77
C LEU A 162 -1.33 19.25 5.53
N MET A 163 -1.55 18.55 6.64
CA MET A 163 -1.82 17.12 6.65
C MET A 163 -3.12 16.82 7.38
N PRO A 164 -3.74 15.66 7.09
CA PRO A 164 -4.99 15.33 7.83
C PRO A 164 -4.75 15.15 9.34
N LEU A 165 -5.62 15.73 10.15
CA LEU A 165 -5.46 15.62 11.60
C LEU A 165 -5.37 14.25 12.17
N THR A 166 -6.16 13.34 11.62
CA THR A 166 -6.07 11.97 12.07
C THR A 166 -4.64 11.36 11.98
N HIS A 167 -4.03 11.62 10.84
CA HIS A 167 -2.61 11.15 10.59
C HIS A 167 -1.62 11.90 11.44
N VAL A 168 -1.82 13.23 11.55
CA VAL A 168 -0.91 14.02 12.43
C VAL A 168 -0.91 13.46 13.84
N LEU A 169 -2.08 13.23 14.39
CA LEU A 169 -2.17 12.80 15.74
C LEU A 169 -1.63 11.40 15.98
N ALA A 170 -2.02 10.45 15.14
CA ALA A 170 -1.48 9.14 15.30
C ALA A 170 0.04 9.09 15.17
N THR A 171 0.55 9.88 14.22
CA THR A 171 1.97 9.92 14.00
C THR A 171 2.67 10.58 15.16
N SER A 172 2.08 11.69 15.63
CA SER A 172 2.63 12.37 16.83
C SER A 172 2.72 11.45 18.05
N ILE A 173 1.70 10.59 18.27
CA ILE A 173 1.81 9.62 19.35
C ILE A 173 3.03 8.62 19.23
N THR A 174 3.17 7.96 18.06
CA THR A 174 4.20 7.02 17.86
C THR A 174 5.57 7.76 17.90
N ARG A 175 5.66 8.94 17.28
N ARG A 175 5.67 8.94 17.26
CA ARG A 175 6.91 9.67 17.25
CA ARG A 175 6.92 9.66 17.20
C ARG A 175 7.33 10.00 18.70
C ARG A 175 7.34 10.07 18.67
N GLU A 176 6.39 10.48 19.51
CA GLU A 176 6.70 10.82 20.92
C GLU A 176 7.08 9.66 21.75
N LEU A 177 6.43 8.53 21.58
CA LEU A 177 6.86 7.27 22.22
C LEU A 177 8.25 6.85 21.86
N ASP A 178 8.61 6.97 20.57
CA ASP A 178 9.87 6.62 20.15
C ASP A 178 10.90 7.61 20.76
N TYR A 179 10.59 8.89 20.74
CA TYR A 179 11.57 9.90 21.23
C TYR A 179 11.82 9.60 22.73
N ILE A 180 10.78 9.36 23.50
CA ILE A 180 10.97 9.13 24.96
C ILE A 180 11.79 7.86 25.19
N ARG A 181 11.49 6.81 24.44
CA ARG A 181 12.22 5.61 24.64
C ARG A 181 13.67 5.76 24.29
N MET A 182 13.99 6.39 23.16
CA MET A 182 15.31 6.36 22.63
C MET A 182 16.13 7.47 23.30
N LYS A 183 15.45 8.50 23.89
CA LYS A 183 16.16 9.69 24.57
C LYS A 183 15.89 9.96 26.10
N GLY A 184 14.83 9.36 26.67
CA GLY A 184 14.38 9.54 28.08
C GLY A 184 15.16 8.75 29.14
N VAL A 185 15.09 9.18 30.41
CA VAL A 185 15.90 8.58 31.47
C VAL A 185 15.43 7.19 31.80
N SER A 186 16.34 6.23 31.91
CA SER A 186 15.91 4.81 32.13
C SER A 186 15.00 4.56 33.36
N SER A 187 15.29 5.23 34.46
CA SER A 187 14.38 5.14 35.62
C SER A 187 12.91 5.53 35.31
N ARG A 188 12.67 6.37 34.30
CA ARG A 188 11.31 6.80 33.88
C ARG A 188 10.76 5.99 32.75
N VAL A 189 11.60 5.66 31.77
CA VAL A 189 11.12 5.08 30.52
C VAL A 189 11.80 3.76 30.18
N GLY A 190 12.59 3.21 31.09
CA GLY A 190 13.39 2.05 30.77
C GLY A 190 12.58 0.83 30.47
N TRP A 191 11.30 0.86 30.84
CA TRP A 191 10.39 -0.23 30.64
C TRP A 191 9.87 -0.27 29.22
N LEU A 192 10.02 0.80 28.45
CA LEU A 192 9.47 0.76 27.05
C LEU A 192 10.26 -0.13 26.16
N ARG A 193 9.58 -0.92 25.32
CA ARG A 193 10.24 -1.70 24.28
C ARG A 193 9.89 -1.09 22.91
N PRO A 194 10.52 -1.51 21.85
CA PRO A 194 10.46 -0.76 20.58
C PRO A 194 9.19 -0.86 19.76
N ASP A 195 8.41 -1.93 19.95
CA ASP A 195 7.22 -2.09 19.13
C ASP A 195 6.03 -1.29 19.69
N GLY A 196 5.12 -1.05 18.81
CA GLY A 196 3.82 -0.39 19.11
C GLY A 196 3.15 0.28 17.93
N LYS A 197 1.95 0.81 18.17
CA LYS A 197 1.10 1.31 17.17
C LYS A 197 0.12 2.32 17.81
N ALA A 198 -0.44 3.20 17.03
CA ALA A 198 -1.55 4.06 17.49
C ALA A 198 -2.55 4.24 16.44
N GLN A 199 -3.82 4.56 16.81
CA GLN A 199 -4.83 4.82 15.82
C GLN A 199 -5.71 5.84 16.37
N VAL A 200 -5.99 6.89 15.61
CA VAL A 200 -6.81 7.99 16.10
C VAL A 200 -8.00 8.19 15.24
N THR A 201 -9.23 8.30 15.86
CA THR A 201 -10.43 8.51 15.19
C THR A 201 -10.91 9.92 15.51
N VAL A 202 -11.04 10.72 14.50
CA VAL A 202 -11.58 12.07 14.63
C VAL A 202 -12.99 12.15 14.13
N GLU A 203 -13.81 12.96 14.83
CA GLU A 203 -15.14 13.28 14.31
C GLU A 203 -15.02 14.60 13.58
N TYR A 204 -15.44 14.63 12.36
CA TYR A 204 -15.37 15.77 11.43
C TYR A 204 -16.74 16.35 11.06
N ASN A 205 -16.76 17.64 10.77
CA ASN A 205 -17.77 18.30 9.92
C ASN A 205 -17.14 18.59 8.54
N CYS A 206 -17.91 18.36 7.49
CA CYS A 206 -17.45 18.66 6.14
C CYS A 206 -18.47 19.65 5.60
N LYS A 207 -17.94 20.72 5.04
CA LYS A 207 -18.76 21.79 4.46
C LYS A 207 -18.07 22.17 3.15
N HIS A 208 -18.75 21.87 2.07
CA HIS A 208 -18.34 22.27 0.77
C HIS A 208 -16.87 21.80 0.57
N GLY A 209 -16.59 20.61 1.10
CA GLY A 209 -15.33 19.88 0.81
C GLY A 209 -14.25 20.14 1.81
N VAL A 210 -14.48 21.18 2.60
CA VAL A 210 -13.55 21.58 3.66
C VAL A 210 -13.79 20.75 4.94
N LEU A 211 -12.71 20.20 5.46
CA LEU A 211 -12.78 19.34 6.58
C LEU A 211 -12.50 20.19 7.83
N ILE A 212 -13.45 20.21 8.77
CA ILE A 212 -13.24 20.84 10.06
C ILE A 212 -13.40 19.82 11.15
N PRO A 213 -12.31 19.51 11.86
CA PRO A 213 -12.31 18.62 12.95
C PRO A 213 -13.20 19.19 14.03
N LYS A 214 -14.04 18.34 14.60
CA LYS A 214 -14.91 18.71 15.71
C LYS A 214 -14.37 18.23 17.04
N ARG A 215 -13.93 16.96 17.15
CA ARG A 215 -13.40 16.40 18.41
C ARG A 215 -12.65 15.12 18.05
N ILE A 216 -11.74 14.71 18.93
CA ILE A 216 -11.11 13.45 18.90
C ILE A 216 -12.05 12.44 19.55
N HIS A 217 -12.40 11.40 18.78
CA HIS A 217 -13.43 10.46 19.19
C HIS A 217 -12.84 9.32 19.92
N THR A 218 -11.76 8.70 19.37
CA THR A 218 -11.12 7.55 19.98
C THR A 218 -9.60 7.58 19.77
N ILE A 219 -8.85 7.30 20.82
CA ILE A 219 -7.36 7.14 20.73
C ILE A 219 -7.01 5.75 21.17
N LEU A 220 -6.34 4.95 20.33
CA LEU A 220 -5.93 3.69 20.64
C LEU A 220 -4.41 3.68 20.56
N VAL A 221 -3.76 3.12 21.53
CA VAL A 221 -2.28 2.99 21.59
C VAL A 221 -1.94 1.59 22.03
N SER A 222 -1.00 0.91 21.33
CA SER A 222 -0.52 -0.35 21.67
C SER A 222 0.97 -0.08 21.96
N VAL A 223 1.45 -0.39 23.13
CA VAL A 223 2.83 -0.17 23.45
C VAL A 223 3.54 -1.35 24.11
N GLN A 224 4.66 -1.76 23.48
CA GLN A 224 5.43 -2.89 23.99
C GLN A 224 6.16 -2.50 25.25
N HIS A 225 6.26 -3.43 26.19
CA HIS A 225 6.85 -3.12 27.51
C HIS A 225 7.58 -4.32 28.18
N ASP A 226 8.44 -3.99 29.13
CA ASP A 226 9.10 -5.03 29.93
C ASP A 226 8.10 -5.69 30.78
N GLU A 227 8.46 -6.91 31.20
CA GLU A 227 7.52 -7.65 32.04
C GLU A 227 7.24 -7.00 33.37
N ASN A 228 8.20 -6.25 33.94
CA ASN A 228 8.01 -5.70 35.27
C ASN A 228 7.22 -4.43 35.39
N ILE A 229 6.41 -4.06 34.38
CA ILE A 229 5.46 -2.96 34.61
C ILE A 229 4.14 -3.51 34.19
N GLU A 230 3.10 -3.06 34.86
CA GLU A 230 1.83 -3.48 34.51
C GLU A 230 1.10 -2.45 33.67
N ASN A 231 0.09 -2.98 32.95
CA ASN A 231 -0.68 -2.11 32.03
C ASN A 231 -1.31 -0.91 32.76
N GLU A 232 -1.66 -1.10 34.00
CA GLU A 232 -2.29 0.08 34.69
C GLU A 232 -1.39 1.33 34.88
N GLU A 233 -0.08 1.06 35.05
CA GLU A 233 0.92 2.14 35.17
C GLU A 233 1.16 2.77 33.74
N ILE A 234 1.20 1.86 32.78
CA ILE A 234 1.44 2.22 31.34
C ILE A 234 0.39 3.23 30.93
N ARG A 235 -0.83 2.90 31.28
N ARG A 235 -0.87 3.00 31.26
CA ARG A 235 -1.97 3.66 30.86
CA ARG A 235 -1.95 3.92 30.83
C ARG A 235 -1.89 5.07 31.39
C ARG A 235 -1.75 5.25 31.38
N GLU A 236 -1.46 5.29 32.66
CA GLU A 236 -1.27 6.55 33.18
C GLU A 236 -0.12 7.35 32.50
N PHE A 237 1.01 6.69 32.28
CA PHE A 237 2.15 7.30 31.69
C PHE A 237 1.82 7.79 30.26
N VAL A 238 1.21 6.92 29.48
CA VAL A 238 0.89 7.25 28.12
C VAL A 238 -0.11 8.37 28.07
N LEU A 239 -1.15 8.28 28.88
CA LEU A 239 -2.15 9.37 28.80
C LEU A 239 -1.49 10.67 29.14
N GLU A 240 -0.73 10.70 30.24
CA GLU A 240 -0.20 11.97 30.69
C GLU A 240 0.97 12.49 29.96
N ASN A 241 1.94 11.65 29.58
CA ASN A 241 3.18 12.11 28.96
C ASN A 241 3.23 12.04 27.42
N VAL A 242 2.22 11.37 26.83
CA VAL A 242 2.15 11.26 25.36
C VAL A 242 0.85 11.82 24.82
N ILE A 243 -0.31 11.19 25.09
CA ILE A 243 -1.56 11.73 24.61
C ILE A 243 -1.85 13.20 24.88
N LYS A 244 -1.71 13.62 26.14
CA LYS A 244 -1.98 14.98 26.53
C LYS A 244 -0.92 15.93 26.10
N LYS A 245 0.24 15.41 25.76
CA LYS A 245 1.30 16.26 25.24
C LYS A 245 1.10 16.61 23.77
N VAL A 246 0.60 15.69 22.94
CA VAL A 246 0.51 15.86 21.51
C VAL A 246 -0.85 16.07 20.94
N CYS A 247 -1.93 15.77 21.68
CA CYS A 247 -3.28 16.00 21.23
C CYS A 247 -3.89 17.28 21.84
N PRO A 248 -4.47 18.14 21.04
CA PRO A 248 -4.94 19.42 21.54
C PRO A 248 -6.01 19.24 22.56
N SER A 249 -5.89 19.91 23.73
CA SER A 249 -6.86 19.74 24.74
C SER A 249 -8.25 20.21 24.30
N ASP A 250 -8.40 21.16 23.41
CA ASP A 250 -9.71 21.59 23.03
C ASP A 250 -10.47 20.65 22.10
N LEU A 251 -9.74 19.65 21.61
CA LEU A 251 -10.45 18.54 20.86
C LEU A 251 -10.74 17.33 21.69
N MET A 252 -10.30 17.28 22.93
CA MET A 252 -10.60 16.19 23.79
C MET A 252 -11.66 16.52 24.80
N ASP A 253 -12.49 15.56 25.16
CA ASP A 253 -13.57 15.79 26.11
C ASP A 253 -13.82 14.54 26.93
N LYS A 254 -14.81 14.54 27.84
CA LYS A 254 -14.87 13.42 28.72
C LYS A 254 -15.44 12.22 27.97
N GLU A 255 -16.02 12.39 26.75
CA GLU A 255 -16.49 11.20 26.03
C GLU A 255 -15.36 10.58 25.16
N THR A 256 -14.27 11.29 24.89
CA THR A 256 -13.17 10.71 24.07
C THR A 256 -12.76 9.36 24.66
N ARG A 257 -12.76 8.33 23.82
CA ARG A 257 -12.45 7.00 24.24
C ARG A 257 -10.97 6.72 24.16
N ILE A 258 -10.35 6.42 25.29
CA ILE A 258 -8.90 6.20 25.36
C ILE A 258 -8.58 4.77 25.62
N LEU A 259 -7.91 4.08 24.67
CA LEU A 259 -7.71 2.68 24.79
C LEU A 259 -6.20 2.46 24.72
N ILE A 260 -5.63 1.92 25.77
CA ILE A 260 -4.16 1.66 25.89
C ILE A 260 -3.93 0.20 26.23
N ASN A 261 -3.31 -0.51 25.29
CA ASN A 261 -3.14 -1.98 25.44
C ASN A 261 -4.49 -2.64 25.91
N PRO A 262 -5.55 -2.41 25.18
CA PRO A 262 -6.85 -2.87 25.75
C PRO A 262 -6.94 -4.37 25.88
N SER A 263 -6.26 -5.08 25.01
CA SER A 263 -6.37 -6.57 24.90
C SER A 263 -5.45 -7.32 25.84
N GLY A 264 -4.57 -6.64 26.56
CA GLY A 264 -3.77 -7.31 27.50
C GLY A 264 -2.39 -6.86 27.37
N ARG A 265 -1.51 -7.63 27.96
CA ARG A 265 -0.11 -7.22 28.08
C ARG A 265 0.58 -7.36 26.70
N PHE A 266 1.60 -6.58 26.45
CA PHE A 266 2.32 -6.63 25.17
C PHE A 266 3.85 -6.63 25.55
N THR A 267 4.36 -7.82 25.91
CA THR A 267 5.73 -7.95 26.17
C THR A 267 6.44 -8.56 24.99
N ILE A 268 5.82 -9.56 24.35
CA ILE A 268 6.47 -10.27 23.25
C ILE A 268 6.17 -9.45 22.00
N GLY A 269 7.17 -8.95 21.31
CA GLY A 269 6.95 -8.18 20.09
C GLY A 269 8.11 -8.17 19.14
N GLY A 270 8.12 -7.22 18.22
CA GLY A 270 9.12 -7.18 17.19
C GLY A 270 9.10 -8.38 16.25
N PRO A 271 10.19 -8.67 15.59
CA PRO A 271 10.32 -9.72 14.60
C PRO A 271 9.91 -11.11 15.17
N ALA A 272 10.15 -11.30 16.43
CA ALA A 272 9.78 -12.59 17.01
C ALA A 272 8.29 -12.82 16.98
N ALA A 273 7.51 -11.77 17.20
CA ALA A 273 6.11 -11.86 17.22
C ALA A 273 5.48 -11.69 15.84
N ASP A 274 6.15 -11.03 14.86
CA ASP A 274 5.48 -10.72 13.55
C ASP A 274 6.52 -10.48 12.48
N ALA A 275 6.46 -11.14 11.35
CA ALA A 275 7.43 -10.91 10.26
C ALA A 275 7.37 -9.42 9.83
N GLY A 276 8.49 -8.86 9.44
CA GLY A 276 8.56 -7.53 8.85
C GLY A 276 9.09 -7.60 7.45
N LEU A 277 8.70 -6.61 6.63
CA LEU A 277 9.15 -6.47 5.27
C LEU A 277 9.16 -4.97 4.89
N THR A 278 10.11 -4.58 4.08
CA THR A 278 10.12 -3.22 3.49
C THR A 278 8.82 -2.93 2.69
N GLY A 279 8.21 -1.70 2.83
CA GLY A 279 7.15 -1.35 1.95
C GLY A 279 5.79 -1.91 2.36
N ARG A 280 5.58 -2.25 3.64
CA ARG A 280 4.32 -2.77 4.15
C ARG A 280 3.64 -1.78 5.06
N LYS A 281 4.07 -0.52 5.05
CA LYS A 281 3.37 0.52 5.83
C LYS A 281 3.22 1.77 4.97
N ILE A 282 2.78 1.59 3.72
CA ILE A 282 2.83 2.69 2.79
C ILE A 282 1.79 3.79 3.07
N ILE A 283 0.73 3.43 3.78
CA ILE A 283 -0.33 4.34 4.23
C ILE A 283 0.14 5.16 5.44
N VAL A 284 0.73 4.47 6.38
CA VAL A 284 1.47 5.16 7.53
C VAL A 284 2.47 6.19 6.94
N ASP A 285 3.19 5.77 5.91
CA ASP A 285 4.18 6.64 5.25
C ASP A 285 3.64 7.85 4.55
N THR A 286 2.33 7.91 4.23
CA THR A 286 1.82 8.92 3.39
C THR A 286 0.70 9.68 4.07
N TYR A 287 -0.58 9.32 3.87
CA TYR A 287 -1.69 10.16 4.30
C TYR A 287 -2.77 9.54 5.22
N GLY A 288 -2.46 8.35 5.68
CA GLY A 288 -3.33 7.78 6.76
C GLY A 288 -4.73 7.43 6.28
N GLY A 289 -4.87 7.13 4.98
CA GLY A 289 -6.13 6.76 4.45
C GLY A 289 -6.83 7.84 3.67
N TRP A 290 -6.37 9.10 3.82
CA TRP A 290 -6.86 10.22 3.09
C TRP A 290 -6.23 10.27 1.75
N GLY A 291 -6.80 10.98 0.83
CA GLY A 291 -6.08 11.04 -0.47
C GLY A 291 -6.11 9.72 -1.21
N ALA A 292 -4.93 9.24 -1.67
CA ALA A 292 -4.95 8.02 -2.45
C ALA A 292 -3.50 7.59 -2.50
N HIS A 293 -3.28 6.36 -2.97
CA HIS A 293 -1.94 5.88 -3.12
C HIS A 293 -1.81 5.13 -4.42
N GLY A 294 -0.68 5.30 -5.11
CA GLY A 294 -0.35 4.52 -6.30
C GLY A 294 0.11 3.11 -6.16
N GLY A 295 0.57 2.78 -4.97
CA GLY A 295 0.96 1.45 -4.62
C GLY A 295 2.43 1.21 -4.30
N GLY A 296 3.31 2.11 -4.81
CA GLY A 296 4.72 1.89 -4.63
C GLY A 296 5.25 2.29 -3.23
N ALA A 297 6.11 1.49 -2.71
CA ALA A 297 6.85 1.78 -1.47
C ALA A 297 7.91 2.89 -1.75
N PHE A 298 8.40 3.51 -0.66
CA PHE A 298 9.44 4.52 -0.77
C PHE A 298 10.84 3.98 -0.34
N SER A 299 10.94 3.20 0.75
CA SER A 299 12.20 2.97 1.39
C SER A 299 13.02 2.02 0.57
N GLY A 300 14.32 2.25 0.60
CA GLY A 300 15.28 1.35 -0.07
C GLY A 300 15.50 1.76 -1.53
N LYS A 301 14.88 2.87 -1.96
CA LYS A 301 14.83 3.27 -3.33
C LYS A 301 15.54 4.62 -3.54
N ASP A 302 16.51 4.64 -4.47
CA ASP A 302 17.08 5.90 -4.89
C ASP A 302 16.10 6.71 -5.70
N ALA A 303 16.50 7.95 -6.01
CA ALA A 303 15.57 8.89 -6.56
C ALA A 303 15.17 8.67 -7.98
N THR A 304 15.84 7.85 -8.74
CA THR A 304 15.30 7.50 -10.08
C THR A 304 14.13 6.61 -9.96
N LYS A 305 13.85 6.09 -8.76
CA LYS A 305 12.55 5.35 -8.60
C LYS A 305 11.41 6.34 -8.48
N VAL A 306 10.62 6.56 -9.54
CA VAL A 306 9.50 7.47 -9.54
C VAL A 306 8.47 7.13 -8.49
N ASP A 307 8.44 5.91 -8.01
CA ASP A 307 7.49 5.66 -6.89
C ASP A 307 7.69 6.63 -5.73
N ARG A 308 8.95 6.91 -5.47
CA ARG A 308 9.41 7.85 -4.38
C ARG A 308 9.42 9.27 -4.92
N SER A 309 10.28 9.51 -5.90
CA SER A 309 10.43 10.90 -6.33
C SER A 309 9.17 11.58 -6.93
N GLY A 310 8.39 10.84 -7.67
CA GLY A 310 7.08 11.33 -8.08
C GLY A 310 6.11 11.64 -7.05
N ALA A 311 6.03 10.76 -6.01
CA ALA A 311 5.14 11.09 -4.88
C ALA A 311 5.62 12.31 -4.10
N TYR A 312 6.91 12.43 -3.94
CA TYR A 312 7.47 13.64 -3.27
C TYR A 312 7.14 14.89 -4.06
N MET A 313 7.34 14.89 -5.38
CA MET A 313 6.97 16.06 -6.14
C MET A 313 5.44 16.35 -6.09
N ALA A 314 4.65 15.27 -6.17
CA ALA A 314 3.22 15.46 -6.10
C ALA A 314 2.75 16.04 -4.77
N ARG A 315 3.43 15.68 -3.67
CA ARG A 315 3.21 16.34 -2.37
C ARG A 315 3.51 17.79 -2.48
N LEU A 316 4.68 18.11 -3.05
CA LEU A 316 5.03 19.57 -3.15
C LEU A 316 3.96 20.36 -3.91
N VAL A 317 3.46 19.79 -4.99
CA VAL A 317 2.38 20.42 -5.72
C VAL A 317 1.13 20.65 -4.89
N ALA A 318 0.60 19.61 -4.29
CA ALA A 318 -0.58 19.73 -3.50
C ALA A 318 -0.39 20.68 -2.37
N LYS A 319 0.78 20.63 -1.73
CA LYS A 319 1.02 21.45 -0.54
C LYS A 319 1.09 22.92 -1.00
N SER A 320 1.74 23.14 -2.13
CA SER A 320 1.89 24.54 -2.69
C SER A 320 0.49 25.12 -3.07
N ILE A 321 -0.38 24.33 -3.66
CA ILE A 321 -1.75 24.77 -3.99
C ILE A 321 -2.55 25.21 -2.75
N VAL A 322 -2.51 24.38 -1.68
CA VAL A 322 -3.16 24.69 -0.43
C VAL A 322 -2.49 25.85 0.27
N PHE A 323 -1.17 25.88 0.31
CA PHE A 323 -0.48 26.94 1.08
C PHE A 323 -0.68 28.27 0.40
N SER A 324 -0.92 28.26 -0.89
CA SER A 324 -1.20 29.44 -1.65
C SER A 324 -2.60 30.04 -1.49
N GLY A 325 -3.44 29.30 -0.80
CA GLY A 325 -4.82 29.59 -0.60
C GLY A 325 -5.70 29.45 -1.82
N LEU A 326 -5.30 28.61 -2.77
CA LEU A 326 -6.11 28.33 -3.99
C LEU A 326 -7.20 27.34 -3.76
N CYS A 327 -7.05 26.58 -2.68
CA CYS A 327 -8.04 25.63 -2.26
C CYS A 327 -7.83 25.26 -0.82
N SER A 328 -8.73 24.45 -0.26
CA SER A 328 -8.53 23.96 1.11
C SER A 328 -7.91 22.53 1.21
N ARG A 329 -8.16 21.75 0.18
CA ARG A 329 -7.74 20.36 0.05
C ARG A 329 -7.38 20.05 -1.39
N CYS A 330 -6.34 19.25 -1.64
CA CYS A 330 -5.92 18.99 -3.02
C CYS A 330 -5.30 17.58 -3.12
N LEU A 331 -5.70 16.83 -4.14
CA LEU A 331 -5.11 15.55 -4.54
C LEU A 331 -4.45 15.74 -5.90
N VAL A 332 -3.30 15.12 -6.10
CA VAL A 332 -2.63 15.21 -7.39
C VAL A 332 -2.24 13.81 -7.74
N GLN A 333 -2.55 13.36 -8.98
CA GLN A 333 -1.96 12.08 -9.47
C GLN A 333 -1.02 12.36 -10.64
N VAL A 334 0.17 11.74 -10.62
CA VAL A 334 1.04 11.68 -11.81
C VAL A 334 1.22 10.27 -12.18
N SER A 335 1.35 9.95 -13.47
N SER A 335 1.38 10.01 -13.47
CA SER A 335 1.73 8.59 -13.83
CA SER A 335 1.62 8.66 -13.96
C SER A 335 2.70 8.63 -14.96
C SER A 335 2.81 8.68 -14.93
N TYR A 336 3.55 7.59 -14.99
CA TYR A 336 4.76 7.49 -15.81
C TYR A 336 4.72 6.26 -16.64
N GLY A 337 5.53 6.22 -17.68
CA GLY A 337 5.83 5.00 -18.45
C GLY A 337 7.31 4.77 -18.44
N ALA A 338 7.74 3.52 -18.35
CA ALA A 338 9.20 3.25 -18.22
C ALA A 338 9.87 3.72 -19.51
N GLY A 339 10.95 4.46 -19.33
CA GLY A 339 11.75 4.96 -20.43
C GLY A 339 11.30 6.26 -21.00
N ILE A 340 10.21 6.87 -20.53
CA ILE A 340 9.61 8.05 -21.08
C ILE A 340 9.72 9.20 -20.07
N ALA A 341 10.24 10.37 -20.50
CA ALA A 341 10.58 11.40 -19.55
C ALA A 341 9.32 12.18 -19.07
N ARG A 342 8.44 12.58 -20.00
CA ARG A 342 7.29 13.31 -19.55
C ARG A 342 6.27 12.34 -18.99
N PRO A 343 5.57 12.76 -17.97
CA PRO A 343 4.49 11.87 -17.40
C PRO A 343 3.44 11.56 -18.48
N LEU A 344 2.87 10.37 -18.42
CA LEU A 344 1.73 9.99 -19.30
C LEU A 344 0.46 10.74 -18.92
N SER A 345 0.29 11.12 -17.64
CA SER A 345 -0.86 11.87 -17.22
C SER A 345 -0.62 12.69 -15.92
N LEU A 346 -1.40 13.74 -15.72
CA LEU A 346 -1.38 14.47 -14.51
C LEU A 346 -2.84 14.86 -14.23
N TYR A 347 -3.20 14.79 -12.98
CA TYR A 347 -4.59 15.02 -12.52
C TYR A 347 -4.57 15.83 -11.22
N ILE A 348 -5.51 16.75 -11.09
CA ILE A 348 -5.66 17.60 -9.89
C ILE A 348 -7.13 17.62 -9.52
N ASN A 349 -7.43 17.34 -8.24
CA ASN A 349 -8.79 17.47 -7.70
C ASN A 349 -8.77 18.28 -6.45
N THR A 350 -9.62 19.31 -6.36
CA THR A 350 -9.67 20.14 -5.19
C THR A 350 -10.98 20.02 -4.41
N PHE A 351 -11.69 18.93 -4.68
CA PHE A 351 -12.85 18.48 -3.85
C PHE A 351 -13.92 19.61 -3.72
N GLY A 352 -14.00 20.50 -4.71
CA GLY A 352 -14.93 21.60 -4.67
C GLY A 352 -14.48 22.71 -3.80
N THR A 353 -13.23 22.71 -3.33
CA THR A 353 -12.79 23.74 -2.46
C THR A 353 -11.99 24.89 -3.10
N ALA A 354 -11.94 24.92 -4.42
CA ALA A 354 -11.14 25.94 -5.12
C ALA A 354 -11.64 27.34 -4.79
N LYS A 355 -10.73 28.26 -4.61
CA LYS A 355 -10.99 29.68 -4.44
C LYS A 355 -11.71 30.21 -5.73
N ASP A 356 -12.46 31.26 -5.55
CA ASP A 356 -13.09 31.98 -6.69
C ASP A 356 -12.09 32.28 -7.80
N GLY A 357 -12.50 32.02 -9.03
CA GLY A 357 -11.68 32.25 -10.22
C GLY A 357 -10.76 31.07 -10.52
N TYR A 358 -10.77 30.01 -9.69
CA TYR A 358 -9.94 28.84 -9.92
C TYR A 358 -10.86 27.62 -10.03
N ASN A 359 -10.45 26.66 -10.82
CA ASN A 359 -11.07 25.35 -10.86
C ASN A 359 -9.94 24.40 -11.21
N ASP A 360 -10.22 23.09 -11.31
CA ASP A 360 -9.15 22.15 -11.49
C ASP A 360 -8.49 22.24 -12.87
N THR A 361 -9.25 22.70 -13.88
CA THR A 361 -8.70 22.86 -15.19
C THR A 361 -7.62 23.96 -15.10
N LYS A 362 -7.98 25.10 -14.55
CA LYS A 362 -7.05 26.21 -14.49
C LYS A 362 -5.84 25.89 -13.54
N LEU A 363 -6.10 25.12 -12.49
CA LEU A 363 -5.01 24.77 -11.61
C LEU A 363 -3.99 23.85 -12.31
N LEU A 364 -4.51 22.91 -13.10
CA LEU A 364 -3.59 22.07 -13.87
C LEU A 364 -2.73 22.92 -14.82
N GLU A 365 -3.34 23.94 -15.44
CA GLU A 365 -2.56 24.83 -16.34
C GLU A 365 -1.45 25.52 -15.53
N ILE A 366 -1.81 26.07 -14.35
CA ILE A 366 -0.83 26.68 -13.43
C ILE A 366 0.29 25.70 -13.05
N VAL A 367 -0.05 24.45 -12.71
CA VAL A 367 0.91 23.43 -12.31
C VAL A 367 1.91 23.18 -13.46
N ASN A 368 1.36 23.08 -14.66
CA ASN A 368 2.14 22.81 -15.85
C ASN A 368 3.08 23.98 -16.22
N LYS A 369 2.77 25.19 -15.81
CA LYS A 369 3.73 26.33 -15.91
C LYS A 369 4.86 26.32 -14.94
N VAL A 370 4.62 25.78 -13.75
CA VAL A 370 5.55 25.98 -12.68
C VAL A 370 6.37 24.76 -12.38
N PHE A 371 5.72 23.61 -12.42
CA PHE A 371 6.32 22.40 -11.98
C PHE A 371 6.71 21.52 -13.13
N ASP A 372 7.77 20.76 -12.94
CA ASP A 372 8.24 19.82 -13.97
C ASP A 372 8.48 18.42 -13.40
N PHE A 373 7.65 17.48 -13.88
CA PHE A 373 7.69 16.15 -13.38
C PHE A 373 8.62 15.22 -14.15
N ARG A 374 9.41 15.72 -15.11
CA ARG A 374 10.40 14.85 -15.75
C ARG A 374 11.44 14.42 -14.71
N PRO A 375 11.77 13.11 -14.60
CA PRO A 375 12.49 12.64 -13.40
C PRO A 375 13.85 13.28 -13.24
N GLY A 376 14.56 13.53 -14.36
CA GLY A 376 15.88 14.17 -14.18
C GLY A 376 15.77 15.57 -13.56
N ILE A 377 14.71 16.29 -13.87
CA ILE A 377 14.50 17.66 -13.34
C ILE A 377 14.09 17.63 -11.92
N LEU A 378 13.11 16.81 -11.65
CA LEU A 378 12.60 16.56 -10.29
C LEU A 378 13.68 16.19 -9.30
N ILE A 379 14.60 15.30 -9.68
CA ILE A 379 15.54 14.85 -8.80
C ILE A 379 16.53 15.96 -8.41
N LYS A 380 16.89 16.75 -9.40
CA LYS A 380 17.76 17.86 -9.08
C LYS A 380 17.07 18.94 -8.23
N GLN A 381 15.82 19.31 -8.56
N GLN A 381 15.86 19.28 -8.62
CA GLN A 381 15.06 20.36 -7.79
CA GLN A 381 15.10 20.28 -7.90
C GLN A 381 14.82 19.96 -6.34
C GLN A 381 14.98 19.94 -6.42
N LEU A 382 14.64 18.68 -6.10
CA LEU A 382 14.46 18.17 -4.72
C LEU A 382 15.69 17.68 -3.97
N ASN A 383 16.86 17.79 -4.63
CA ASN A 383 18.10 17.42 -4.06
C ASN A 383 18.10 15.96 -3.60
N LEU A 384 17.56 15.06 -4.43
CA LEU A 384 17.29 13.73 -4.00
C LEU A 384 18.49 12.78 -4.08
N LYS A 385 19.71 13.26 -4.54
CA LYS A 385 20.92 12.44 -4.49
C LYS A 385 21.71 12.62 -3.16
N SER A 386 21.09 13.24 -2.19
CA SER A 386 21.72 13.56 -0.95
C SER A 386 21.23 12.51 0.06
N PRO A 387 22.03 12.26 1.09
CA PRO A 387 21.75 11.13 2.01
C PRO A 387 20.84 11.62 3.14
N ILE A 388 19.57 11.79 2.75
CA ILE A 388 18.53 12.43 3.61
C ILE A 388 17.40 11.44 3.97
N PHE A 389 17.52 10.23 3.46
CA PHE A 389 16.36 9.33 3.49
C PHE A 389 16.10 8.54 4.75
N LYS A 390 17.11 8.23 5.55
CA LYS A 390 16.88 7.46 6.76
C LYS A 390 15.87 8.17 7.66
N LYS A 391 15.95 9.52 7.71
CA LYS A 391 15.05 10.28 8.52
C LYS A 391 13.55 10.17 8.08
N THR A 392 13.29 9.91 6.82
CA THR A 392 11.96 9.77 6.30
C THR A 392 11.24 8.45 6.68
N SER A 393 12.07 7.49 7.01
CA SER A 393 11.62 6.07 7.10
C SER A 393 10.88 5.68 8.38
N SER A 394 10.83 6.61 9.33
CA SER A 394 9.87 6.55 10.45
CA SER A 394 9.82 6.56 10.38
C SER A 394 9.31 7.96 10.64
N GLY A 395 8.07 8.04 11.05
CA GLY A 395 7.47 9.26 11.33
C GLY A 395 6.66 9.90 10.20
N GLY A 396 6.57 9.21 9.07
CA GLY A 396 5.87 9.69 7.92
C GLY A 396 6.76 10.48 6.99
N HIS A 397 6.56 10.38 5.67
CA HIS A 397 7.35 11.14 4.74
C HIS A 397 6.86 12.57 4.53
N PHE A 398 5.63 12.89 4.91
CA PHE A 398 4.95 14.13 4.61
C PHE A 398 4.52 14.87 5.92
N GLY A 399 4.39 16.19 5.83
CA GLY A 399 4.03 16.99 7.00
C GLY A 399 5.23 17.22 7.86
N ARG A 400 6.41 17.04 7.32
CA ARG A 400 7.66 17.02 8.08
C ARG A 400 8.32 18.37 8.07
N SER A 401 8.98 18.74 9.15
CA SER A 401 9.55 20.08 9.21
C SER A 401 11.02 20.21 8.84
N GLU A 402 11.72 19.09 8.76
CA GLU A 402 13.13 19.06 8.53
C GLU A 402 13.53 19.86 7.30
N LYS A 403 14.63 20.64 7.46
CA LYS A 403 15.02 21.54 6.42
C LYS A 403 15.47 20.83 5.15
N GLU A 404 15.87 19.60 5.28
CA GLU A 404 16.45 18.92 4.09
C GLU A 404 15.35 18.32 3.23
N PHE A 405 14.13 18.40 3.67
CA PHE A 405 12.98 17.84 2.83
C PHE A 405 12.32 18.90 2.00
N LEU A 406 12.86 19.09 0.78
CA LEU A 406 12.41 20.21 -0.02
C LEU A 406 11.00 20.10 -0.56
N TRP A 407 10.42 18.86 -0.52
CA TRP A 407 9.05 18.66 -0.94
C TRP A 407 8.03 19.14 0.04
N GLU A 408 8.51 19.63 1.23
CA GLU A 408 7.69 20.22 2.24
C GLU A 408 7.81 21.77 2.26
N LYS A 409 8.52 22.37 1.30
CA LYS A 409 8.69 23.81 1.31
C LYS A 409 7.89 24.41 0.17
N PRO A 410 6.66 24.88 0.48
CA PRO A 410 5.82 25.21 -0.62
C PRO A 410 6.15 26.43 -1.40
N ILE A 411 5.71 26.40 -2.64
CA ILE A 411 5.84 27.52 -3.53
C ILE A 411 4.58 28.35 -3.62
N ILE A 412 4.74 29.69 -3.73
CA ILE A 412 3.50 30.51 -3.83
C ILE A 412 3.07 30.53 -5.29
N LEU A 413 1.80 30.15 -5.52
CA LEU A 413 1.18 30.04 -6.81
C LEU A 413 0.03 31.01 -6.89
N GLN A 414 -0.24 31.42 -8.13
CA GLN A 414 -1.43 32.12 -8.54
C GLN A 414 -1.63 32.02 -10.06
N GLU B 29 -15.57 20.11 -17.92
CA GLU B 29 -14.35 19.72 -17.11
C GLU B 29 -13.98 18.19 -17.23
N GLN B 30 -13.02 17.90 -18.11
CA GLN B 30 -12.52 16.55 -18.28
C GLN B 30 -11.29 16.37 -17.38
N PHE B 31 -10.90 15.11 -17.10
CA PHE B 31 -9.64 14.87 -16.47
C PHE B 31 -9.09 13.51 -16.93
N LEU B 32 -7.79 13.28 -16.68
CA LEU B 32 -7.15 12.02 -16.95
C LEU B 32 -6.92 11.28 -15.63
N PHE B 33 -6.99 9.95 -15.60
CA PHE B 33 -6.67 9.17 -14.43
C PHE B 33 -6.15 7.87 -14.91
N SER B 34 -5.16 7.34 -14.20
CA SER B 34 -4.47 6.13 -14.57
C SER B 34 -4.60 5.06 -13.46
N SER B 35 -4.68 3.77 -13.88
CA SER B 35 -4.50 2.64 -13.00
C SER B 35 -3.58 1.59 -13.64
N GLU B 36 -3.01 0.72 -12.81
CA GLU B 36 -2.13 -0.33 -13.30
C GLU B 36 -2.55 -1.74 -12.87
N SER B 37 -1.93 -2.70 -13.51
CA SER B 37 -2.00 -4.10 -13.10
C SER B 37 -0.70 -4.72 -13.48
N VAL B 38 -0.43 -5.85 -12.85
CA VAL B 38 0.76 -6.64 -13.21
C VAL B 38 0.35 -8.09 -13.50
N CYS B 39 1.19 -8.73 -14.28
CA CYS B 39 1.05 -10.14 -14.61
C CYS B 39 1.26 -11.02 -13.41
N SER B 40 0.67 -12.24 -13.44
CA SER B 40 0.90 -13.21 -12.36
C SER B 40 2.37 -13.56 -12.11
N GLY B 41 3.23 -13.43 -13.11
CA GLY B 41 4.64 -13.68 -13.00
C GLY B 41 5.47 -12.51 -12.51
N HIS B 42 4.82 -11.37 -12.31
CA HIS B 42 5.58 -10.23 -11.71
C HIS B 42 6.07 -10.72 -10.36
N PRO B 43 7.31 -10.43 -9.95
CA PRO B 43 7.82 -11.02 -8.74
C PRO B 43 7.07 -10.79 -7.47
N ASP B 44 6.46 -9.58 -7.32
CA ASP B 44 5.66 -9.31 -6.19
C ASP B 44 4.37 -10.16 -6.21
N LYS B 45 3.77 -10.27 -7.38
CA LYS B 45 2.55 -11.06 -7.44
C LYS B 45 2.78 -12.53 -7.31
N LEU B 46 3.95 -12.98 -7.76
CA LEU B 46 4.33 -14.37 -7.51
C LEU B 46 4.34 -14.69 -6.02
N CYS B 47 4.89 -13.76 -5.24
CA CYS B 47 4.92 -13.95 -3.81
C CYS B 47 3.52 -13.97 -3.15
N ASP B 48 2.62 -13.11 -3.61
CA ASP B 48 1.18 -13.09 -3.15
C ASP B 48 0.54 -14.48 -3.43
N GLN B 49 0.85 -15.00 -4.63
CA GLN B 49 0.21 -16.27 -5.03
C GLN B 49 0.78 -17.40 -4.16
N ILE B 50 2.08 -17.44 -3.96
CA ILE B 50 2.64 -18.49 -3.06
C ILE B 50 2.02 -18.39 -1.67
N SER B 51 1.99 -17.15 -1.10
CA SER B 51 1.44 -16.91 0.21
C SER B 51 -0.04 -17.53 0.30
N ASP B 52 -0.86 -17.26 -0.72
CA ASP B 52 -2.20 -17.74 -0.73
C ASP B 52 -2.27 -19.20 -1.12
N ALA B 53 -1.36 -19.70 -1.93
CA ALA B 53 -1.39 -21.19 -2.18
C ALA B 53 -1.19 -21.93 -0.84
N ILE B 54 -0.29 -21.46 -0.02
CA ILE B 54 0.03 -22.00 1.31
C ILE B 54 -1.17 -21.85 2.25
N LEU B 55 -1.79 -20.66 2.29
CA LEU B 55 -3.03 -20.49 3.02
C LEU B 55 -4.08 -21.56 2.65
N ASP B 56 -4.33 -21.67 1.35
CA ASP B 56 -5.36 -22.65 0.86
C ASP B 56 -4.97 -24.08 1.24
N ALA B 57 -3.71 -24.41 1.13
CA ALA B 57 -3.28 -25.79 1.47
C ALA B 57 -3.58 -26.10 2.93
N CYS B 58 -3.38 -25.13 3.83
CA CYS B 58 -3.71 -25.28 5.22
C CYS B 58 -5.19 -25.40 5.44
N LEU B 59 -5.97 -24.53 4.80
CA LEU B 59 -7.40 -24.49 5.06
C LEU B 59 -8.09 -25.81 4.53
N GLU B 60 -7.60 -26.34 3.42
CA GLU B 60 -8.27 -27.53 2.87
C GLU B 60 -8.18 -28.71 3.84
N GLN B 61 -7.16 -28.76 4.69
CA GLN B 61 -7.11 -29.80 5.77
C GLN B 61 -7.70 -29.34 7.08
N ASP B 62 -7.56 -28.04 7.40
CA ASP B 62 -7.97 -27.46 8.69
C ASP B 62 -8.53 -26.06 8.53
N PRO B 63 -9.86 -25.92 8.45
CA PRO B 63 -10.51 -24.62 8.27
C PRO B 63 -10.23 -23.61 9.37
N GLU B 64 -9.80 -24.07 10.54
CA GLU B 64 -9.59 -23.20 11.69
C GLU B 64 -8.14 -22.68 11.71
N SER B 65 -7.38 -22.93 10.64
CA SER B 65 -5.96 -22.62 10.62
C SER B 65 -5.71 -21.07 10.79
N PHE B 66 -4.67 -20.67 11.53
CA PHE B 66 -4.21 -19.26 11.54
C PHE B 66 -3.00 -19.21 10.62
N VAL B 67 -2.93 -18.23 9.71
CA VAL B 67 -1.85 -18.19 8.77
C VAL B 67 -1.49 -16.70 8.58
N ALA B 68 -0.22 -16.43 8.74
CA ALA B 68 0.42 -15.17 8.37
C ALA B 68 1.66 -15.49 7.59
N CYS B 69 1.50 -15.76 6.32
CA CYS B 69 2.59 -16.37 5.54
C CYS B 69 3.16 -15.34 4.54
N GLU B 70 4.35 -14.87 4.76
CA GLU B 70 5.00 -13.89 3.88
C GLU B 70 5.96 -14.62 2.92
N THR B 71 6.11 -14.14 1.74
CA THR B 71 7.01 -14.72 0.76
C THR B 71 7.91 -13.67 0.18
N CYS B 72 9.23 -14.00 -0.06
CA CYS B 72 10.07 -13.04 -0.72
C CYS B 72 10.93 -13.83 -1.66
N THR B 73 11.38 -13.12 -2.69
CA THR B 73 12.19 -13.76 -3.79
C THR B 73 13.19 -12.85 -4.39
N LYS B 74 14.29 -13.45 -4.91
CA LYS B 74 15.26 -12.81 -5.75
C LYS B 74 16.05 -14.00 -6.43
N THR B 75 17.02 -13.64 -7.22
CA THR B 75 17.72 -14.62 -8.06
C THR B 75 17.87 -15.94 -7.35
N GLY B 76 17.28 -16.94 -7.94
CA GLY B 76 17.46 -18.32 -7.54
C GLY B 76 16.87 -18.76 -6.23
N PHE B 77 16.02 -17.93 -5.57
CA PHE B 77 15.53 -18.37 -4.32
C PHE B 77 14.14 -17.83 -4.00
N ILE B 78 13.41 -18.64 -3.24
CA ILE B 78 12.19 -18.20 -2.55
C ILE B 78 12.29 -18.45 -1.06
N MET B 79 11.91 -17.49 -0.22
CA MET B 79 11.75 -17.71 1.21
C MET B 79 10.34 -17.50 1.65
N VAL B 80 9.77 -18.43 2.41
CA VAL B 80 8.47 -18.27 3.05
C VAL B 80 8.74 -18.19 4.52
N PHE B 81 8.08 -17.26 5.20
CA PHE B 81 8.40 -16.91 6.58
C PHE B 81 7.23 -16.27 7.29
N GLY B 82 7.12 -16.41 8.61
CA GLY B 82 5.92 -15.91 9.24
C GLY B 82 5.47 -16.94 10.26
N GLU B 83 4.18 -17.02 10.46
CA GLU B 83 3.63 -17.83 11.56
C GLU B 83 2.38 -18.59 11.10
N ILE B 84 2.33 -19.91 11.35
CA ILE B 84 1.17 -20.69 11.01
C ILE B 84 0.77 -21.54 12.24
N THR B 85 -0.50 -21.55 12.57
CA THR B 85 -1.05 -22.47 13.62
C THR B 85 -2.02 -23.37 12.88
N THR B 86 -1.70 -24.65 12.69
CA THR B 86 -2.57 -25.47 11.90
C THR B 86 -2.47 -26.97 12.31
N LYS B 87 -3.50 -27.71 12.01
CA LYS B 87 -3.43 -29.18 12.07
C LYS B 87 -3.10 -29.79 10.74
N ALA B 88 -3.11 -29.01 9.66
CA ALA B 88 -2.77 -29.51 8.33
C ALA B 88 -1.38 -30.03 8.35
N ASN B 89 -1.14 -30.99 7.49
CA ASN B 89 0.19 -31.44 7.30
C ASN B 89 0.45 -31.09 5.82
N VAL B 90 1.18 -29.99 5.63
CA VAL B 90 1.43 -29.43 4.29
C VAL B 90 2.91 -29.51 4.01
N ASN B 91 3.24 -29.95 2.81
CA ASN B 91 4.64 -29.93 2.36
C ASN B 91 4.87 -28.52 1.75
N TYR B 92 5.30 -27.56 2.56
CA TYR B 92 5.37 -26.14 2.08
C TYR B 92 6.28 -26.02 0.85
N GLU B 93 7.43 -26.70 0.90
CA GLU B 93 8.36 -26.65 -0.21
C GLU B 93 7.69 -27.06 -1.49
N ARG B 94 6.94 -28.17 -1.42
CA ARG B 94 6.28 -28.65 -2.61
C ARG B 94 5.19 -27.71 -3.09
N VAL B 95 4.42 -27.12 -2.17
CA VAL B 95 3.44 -26.10 -2.59
C VAL B 95 4.13 -24.90 -3.32
N VAL B 96 5.29 -24.48 -2.82
CA VAL B 96 6.02 -23.37 -3.42
C VAL B 96 6.47 -23.75 -4.84
N ARG B 97 7.13 -24.91 -5.00
CA ARG B 97 7.58 -25.33 -6.31
C ARG B 97 6.45 -25.48 -7.33
N GLU B 98 5.37 -26.12 -6.94
CA GLU B 98 4.20 -26.32 -7.83
C GLU B 98 3.54 -25.01 -8.22
N THR B 99 3.48 -24.05 -7.28
CA THR B 99 2.96 -22.72 -7.64
C THR B 99 3.80 -22.04 -8.71
N VAL B 100 5.14 -22.08 -8.52
CA VAL B 100 6.06 -21.44 -9.44
C VAL B 100 6.00 -22.08 -10.84
N LYS B 101 5.89 -23.41 -10.84
CA LYS B 101 5.74 -24.17 -12.05
C LYS B 101 4.51 -23.81 -12.81
N GLU B 102 3.35 -23.76 -12.15
CA GLU B 102 2.09 -23.37 -12.78
C GLU B 102 2.16 -21.97 -13.40
N ILE B 103 2.88 -21.05 -12.74
CA ILE B 103 3.05 -19.72 -13.26
C ILE B 103 3.96 -19.68 -14.51
N GLY B 104 4.85 -20.67 -14.69
CA GLY B 104 5.68 -20.72 -15.86
C GLY B 104 7.14 -20.48 -15.70
N TYR B 105 7.62 -20.40 -14.44
CA TYR B 105 9.02 -20.10 -14.14
C TYR B 105 9.75 -21.48 -14.11
N ASP B 106 10.19 -21.88 -15.27
CA ASP B 106 10.82 -23.23 -15.44
C ASP B 106 12.18 -23.19 -16.11
N SER B 107 12.88 -22.08 -15.99
CA SER B 107 14.21 -21.91 -16.57
C SER B 107 14.88 -20.63 -16.07
N GLU B 108 16.17 -20.69 -15.76
CA GLU B 108 16.84 -19.58 -15.15
C GLU B 108 16.81 -18.39 -16.08
N GLU B 109 16.79 -18.64 -17.40
CA GLU B 109 16.73 -17.55 -18.35
C GLU B 109 15.41 -16.75 -18.28
N LYS B 110 14.35 -17.36 -17.80
CA LYS B 110 13.09 -16.66 -17.67
C LYS B 110 13.03 -15.84 -16.43
N GLY B 111 13.96 -16.06 -15.52
CA GLY B 111 14.10 -15.28 -14.27
C GLY B 111 14.00 -16.12 -13.03
N LEU B 112 13.64 -17.41 -13.16
CA LEU B 112 13.54 -18.35 -12.05
C LEU B 112 13.22 -19.75 -12.60
N ASP B 113 13.73 -20.80 -11.93
CA ASP B 113 13.42 -22.18 -12.30
C ASP B 113 12.98 -22.93 -11.09
N TYR B 114 11.73 -23.37 -11.08
CA TYR B 114 11.14 -24.08 -9.94
C TYR B 114 11.94 -25.33 -9.61
N LYS B 115 12.62 -25.87 -10.64
CA LYS B 115 13.38 -27.15 -10.47
C LYS B 115 14.67 -26.92 -9.69
N THR B 116 15.30 -25.77 -9.89
CA THR B 116 16.63 -25.47 -9.39
C THR B 116 16.65 -24.47 -8.22
N MET B 117 15.61 -23.66 -8.01
CA MET B 117 15.72 -22.65 -6.96
C MET B 117 15.84 -23.21 -5.54
N ASP B 118 16.44 -22.42 -4.71
CA ASP B 118 16.48 -22.72 -3.35
C ASP B 118 15.16 -22.27 -2.74
N VAL B 119 14.57 -23.10 -1.89
CA VAL B 119 13.34 -22.80 -1.11
C VAL B 119 13.66 -22.82 0.41
N ILE B 120 13.56 -21.68 1.06
CA ILE B 120 13.92 -21.53 2.45
C ILE B 120 12.58 -21.35 3.15
N ILE B 121 12.32 -22.18 4.14
CA ILE B 121 11.08 -22.17 4.88
C ILE B 121 11.41 -21.75 6.29
N LYS B 122 10.85 -20.66 6.76
CA LYS B 122 11.09 -20.15 8.11
C LYS B 122 9.74 -19.80 8.74
N LEU B 123 8.90 -20.82 8.79
CA LEU B 123 7.60 -20.65 9.38
C LEU B 123 7.58 -21.10 10.85
N GLU B 124 7.03 -20.31 11.74
CA GLU B 124 6.94 -20.69 13.18
C GLU B 124 5.55 -20.94 13.56
N GLN B 125 5.36 -21.40 14.80
CA GLN B 125 4.09 -21.35 15.48
C GLN B 125 4.01 -20.22 16.55
N CYS B 133 -2.50 -19.59 29.55
CA CYS B 133 -3.26 -18.37 29.31
C CYS B 133 -4.80 -18.62 29.38
N VAL B 134 -5.48 -18.21 30.46
CA VAL B 134 -6.98 -18.28 30.54
C VAL B 134 -7.71 -17.14 29.78
N HIS B 135 -8.73 -17.49 28.99
CA HIS B 135 -9.61 -16.47 28.37
C HIS B 135 -11.09 -16.73 28.75
N VAL B 136 -11.83 -15.65 29.02
CA VAL B 136 -13.32 -15.77 29.21
C VAL B 136 -13.89 -16.53 27.92
N ASP B 137 -14.86 -17.47 28.10
CA ASP B 137 -15.54 -18.21 27.00
C ASP B 137 -16.28 -17.12 26.16
N LYS B 138 -16.28 -17.23 24.83
CA LYS B 138 -16.76 -16.18 23.88
C LYS B 138 -17.67 -16.79 22.84
N ASN B 139 -18.80 -16.20 22.56
CA ASN B 139 -19.57 -16.58 21.43
C ASN B 139 -19.00 -15.93 20.13
N VAL B 140 -19.52 -16.33 19.00
CA VAL B 140 -19.02 -15.73 17.70
C VAL B 140 -19.11 -14.23 17.67
N GLU B 141 -20.18 -13.68 18.22
CA GLU B 141 -20.39 -12.22 18.31
C GLU B 141 -19.32 -11.52 19.11
N ASP B 142 -18.59 -12.27 19.95
CA ASP B 142 -17.77 -11.68 20.94
C ASP B 142 -16.32 -11.65 20.47
N ILE B 143 -16.01 -12.39 19.40
CA ILE B 143 -14.65 -12.61 19.02
C ILE B 143 -14.07 -11.18 18.60
N GLY B 144 -12.93 -10.86 19.19
CA GLY B 144 -12.21 -9.56 18.91
C GLY B 144 -11.49 -9.57 17.62
N ALA B 145 -11.32 -8.35 17.06
CA ALA B 145 -10.42 -8.22 15.93
C ALA B 145 -9.01 -8.65 16.38
N GLY B 146 -8.26 -9.24 15.49
CA GLY B 146 -6.92 -9.71 15.80
C GLY B 146 -5.88 -8.59 15.79
N ASP B 147 -6.25 -7.47 15.22
CA ASP B 147 -5.32 -6.29 15.25
C ASP B 147 -6.15 -5.05 15.16
N GLN B 148 -5.47 -3.92 15.26
CA GLN B 148 -6.08 -2.63 14.86
C GLN B 148 -5.88 -2.45 13.35
N GLY B 149 -6.42 -1.38 12.86
CA GLY B 149 -6.25 -0.87 11.48
C GLY B 149 -7.56 -0.49 10.87
N MET B 150 -7.47 0.17 9.74
N MET B 150 -7.40 0.12 9.70
CA MET B 150 -8.65 0.43 8.97
CA MET B 150 -8.49 0.55 8.85
C MET B 150 -8.58 -0.15 7.56
C MET B 150 -8.55 -0.21 7.55
N MET B 151 -9.78 -0.35 7.01
CA MET B 151 -9.95 -0.95 5.68
C MET B 151 -11.00 -0.21 4.91
N PHE B 152 -10.83 -0.05 3.62
CA PHE B 152 -11.81 0.58 2.83
C PHE B 152 -12.40 -0.32 1.80
N GLY B 153 -13.62 -0.06 1.48
CA GLY B 153 -14.34 -0.62 0.35
C GLY B 153 -14.77 0.48 -0.61
N TYR B 154 -14.91 0.15 -1.88
CA TYR B 154 -15.28 1.09 -2.93
C TYR B 154 -16.10 0.39 -4.04
N ALA B 155 -17.00 1.17 -4.60
CA ALA B 155 -17.79 0.75 -5.78
C ALA B 155 -18.17 1.96 -6.61
N THR B 156 -18.36 1.71 -7.89
CA THR B 156 -18.72 2.72 -8.85
C THR B 156 -19.49 2.08 -9.99
N ASN B 157 -20.52 2.76 -10.43
CA ASN B 157 -21.37 2.23 -11.54
C ASN B 157 -20.79 2.45 -12.93
N GLU B 158 -19.50 2.76 -13.06
CA GLU B 158 -18.81 2.82 -14.35
C GLU B 158 -18.77 1.56 -15.17
N THR B 159 -18.79 0.41 -14.55
CA THR B 159 -18.67 -0.78 -15.23
C THR B 159 -19.66 -1.80 -14.60
N LYS B 160 -19.86 -2.93 -15.28
CA LYS B 160 -20.81 -3.90 -14.73
C LYS B 160 -20.25 -4.65 -13.50
N GLU B 161 -18.94 -4.71 -13.35
CA GLU B 161 -18.22 -5.22 -12.20
C GLU B 161 -18.33 -4.24 -10.98
N LEU B 162 -18.89 -3.02 -11.20
CA LEU B 162 -19.05 -1.93 -10.26
C LEU B 162 -17.64 -1.52 -9.79
N MET B 163 -16.71 -1.50 -10.71
CA MET B 163 -15.33 -1.13 -10.46
C MET B 163 -14.94 0.06 -11.36
N PRO B 164 -13.85 0.79 -11.01
CA PRO B 164 -13.39 1.86 -11.92
C PRO B 164 -12.90 1.32 -13.25
N LEU B 165 -13.26 2.01 -14.32
CA LEU B 165 -12.90 1.51 -15.67
C LEU B 165 -11.40 1.38 -15.86
N THR B 166 -10.66 2.35 -15.33
CA THR B 166 -9.23 2.23 -15.42
C THR B 166 -8.62 0.91 -14.91
N HIS B 167 -9.05 0.53 -13.71
CA HIS B 167 -8.62 -0.72 -13.05
C HIS B 167 -9.11 -1.94 -13.83
N VAL B 168 -10.35 -1.85 -14.27
CA VAL B 168 -10.91 -2.99 -15.07
C VAL B 168 -10.10 -3.25 -16.33
N LEU B 169 -9.78 -2.20 -17.08
CA LEU B 169 -9.05 -2.35 -18.30
C LEU B 169 -7.63 -2.81 -18.08
N ALA B 170 -6.91 -2.16 -17.16
CA ALA B 170 -5.56 -2.66 -16.87
C ALA B 170 -5.50 -4.13 -16.43
N THR B 171 -6.42 -4.49 -15.58
CA THR B 171 -6.52 -5.82 -15.02
C THR B 171 -6.89 -6.77 -16.14
N SER B 172 -7.86 -6.33 -16.96
CA SER B 172 -8.23 -7.21 -18.16
C SER B 172 -7.05 -7.51 -19.05
N ILE B 173 -6.19 -6.53 -19.33
CA ILE B 173 -5.03 -6.76 -20.10
C ILE B 173 -4.09 -7.81 -19.52
N THR B 174 -3.68 -7.66 -18.21
CA THR B 174 -2.72 -8.54 -17.64
C THR B 174 -3.38 -9.99 -17.53
N ARG B 175 -4.67 -10.03 -17.18
CA ARG B 175 -5.34 -11.30 -16.99
C ARG B 175 -5.38 -12.04 -18.37
N GLU B 176 -5.61 -11.31 -19.48
CA GLU B 176 -5.64 -11.96 -20.78
C GLU B 176 -4.29 -12.43 -21.23
N LEU B 177 -3.25 -11.62 -21.02
CA LEU B 177 -1.90 -12.10 -21.23
C LEU B 177 -1.55 -13.34 -20.49
N ASP B 178 -1.90 -13.43 -19.22
CA ASP B 178 -1.62 -14.55 -18.41
C ASP B 178 -2.40 -15.81 -18.97
N TYR B 179 -3.67 -15.60 -19.29
CA TYR B 179 -4.50 -16.74 -19.80
C TYR B 179 -3.92 -17.22 -21.13
N ILE B 180 -3.55 -16.33 -22.03
CA ILE B 180 -2.96 -16.85 -23.34
C ILE B 180 -1.63 -17.58 -23.09
N ARG B 181 -0.85 -17.10 -22.14
CA ARG B 181 0.46 -17.68 -21.93
C ARG B 181 0.31 -19.06 -21.30
N MET B 182 -0.61 -19.20 -20.35
CA MET B 182 -0.69 -20.34 -19.53
C MET B 182 -1.66 -21.32 -20.23
N LYS B 183 -2.42 -20.86 -21.25
CA LYS B 183 -3.44 -21.77 -21.96
C LYS B 183 -3.35 -21.82 -23.49
N GLY B 184 -2.59 -20.93 -24.12
CA GLY B 184 -2.52 -20.77 -25.60
C GLY B 184 -1.45 -21.69 -26.18
N VAL B 185 -1.52 -21.94 -27.49
CA VAL B 185 -0.66 -22.95 -28.11
C VAL B 185 0.70 -22.42 -28.29
N SER B 186 1.71 -23.25 -28.05
CA SER B 186 3.13 -22.80 -28.15
C SER B 186 3.55 -22.08 -29.47
N SER B 187 3.14 -22.62 -30.61
CA SER B 187 3.42 -21.95 -31.93
C SER B 187 2.95 -20.46 -32.00
N ARG B 188 1.87 -20.13 -31.25
CA ARG B 188 1.27 -18.79 -31.19
C ARG B 188 1.84 -18.01 -30.06
N VAL B 189 1.93 -18.59 -28.87
CA VAL B 189 2.37 -17.76 -27.69
C VAL B 189 3.51 -18.32 -26.89
N GLY B 190 4.26 -19.27 -27.47
CA GLY B 190 5.35 -19.89 -26.73
C GLY B 190 6.46 -18.98 -26.41
N TRP B 191 6.47 -17.82 -27.07
CA TRP B 191 7.46 -16.79 -26.79
C TRP B 191 7.16 -15.91 -25.58
N LEU B 192 5.94 -15.97 -25.06
CA LEU B 192 5.65 -15.13 -23.85
C LEU B 192 6.35 -15.66 -22.62
N ARG B 193 6.96 -14.76 -21.84
CA ARG B 193 7.48 -15.12 -20.52
C ARG B 193 6.56 -14.52 -19.41
N PRO B 194 6.75 -14.93 -18.14
CA PRO B 194 5.72 -14.65 -17.17
C PRO B 194 5.55 -13.20 -16.71
N ASP B 195 6.58 -12.37 -16.83
CA ASP B 195 6.50 -11.05 -16.17
C ASP B 195 5.86 -10.07 -17.14
N GLY B 196 5.29 -9.00 -16.59
CA GLY B 196 4.76 -7.91 -17.34
C GLY B 196 3.79 -7.09 -16.52
N LYS B 197 3.42 -5.94 -17.08
CA LYS B 197 2.52 -4.96 -16.45
C LYS B 197 1.67 -4.21 -17.50
N ALA B 198 0.63 -3.52 -17.03
CA ALA B 198 -0.19 -2.67 -17.94
C ALA B 198 -0.61 -1.49 -17.16
N GLN B 199 -0.78 -0.36 -17.84
CA GLN B 199 -1.30 0.81 -17.24
C GLN B 199 -2.21 1.50 -18.20
N VAL B 200 -3.43 1.82 -17.76
CA VAL B 200 -4.43 2.43 -18.61
C VAL B 200 -4.87 3.79 -18.11
N THR B 201 -4.78 4.80 -18.99
CA THR B 201 -5.25 6.11 -18.70
C THR B 201 -6.57 6.37 -19.40
N VAL B 202 -7.60 6.76 -18.65
CA VAL B 202 -8.94 7.06 -19.19
C VAL B 202 -9.13 8.55 -19.03
N GLU B 203 -9.75 9.16 -20.05
CA GLU B 203 -10.26 10.52 -19.95
C GLU B 203 -11.71 10.45 -19.51
N TYR B 204 -12.04 11.15 -18.45
CA TYR B 204 -13.32 11.16 -17.85
C TYR B 204 -13.96 12.57 -17.95
N ASN B 205 -15.27 12.55 -17.87
CA ASN B 205 -16.08 13.67 -17.41
C ASN B 205 -16.71 13.32 -16.07
N CYS B 206 -16.91 14.31 -15.21
CA CYS B 206 -17.65 14.11 -13.95
C CYS B 206 -18.91 15.01 -13.96
N LYS B 207 -20.12 14.42 -13.89
CA LYS B 207 -21.42 15.17 -13.89
C LYS B 207 -22.14 14.82 -12.58
N HIS B 208 -22.12 15.76 -11.65
CA HIS B 208 -22.77 15.63 -10.37
C HIS B 208 -22.08 14.53 -9.49
N GLY B 209 -20.73 14.35 -9.61
CA GLY B 209 -19.96 13.31 -8.85
C GLY B 209 -19.92 11.91 -9.48
N VAL B 210 -20.75 11.76 -10.50
CA VAL B 210 -20.82 10.55 -11.30
C VAL B 210 -19.70 10.57 -12.32
N LEU B 211 -19.01 9.46 -12.46
CA LEU B 211 -17.88 9.45 -13.35
C LEU B 211 -18.36 8.89 -14.65
N ILE B 212 -18.11 9.58 -15.75
CA ILE B 212 -18.51 9.07 -17.05
C ILE B 212 -17.26 8.99 -17.93
N PRO B 213 -16.81 7.79 -18.22
CA PRO B 213 -15.67 7.65 -19.09
C PRO B 213 -15.96 8.26 -20.45
N LYS B 214 -15.06 9.01 -21.01
CA LYS B 214 -15.24 9.59 -22.33
C LYS B 214 -14.49 8.81 -23.39
N ARG B 215 -13.23 8.49 -23.13
CA ARG B 215 -12.33 7.70 -24.05
C ARG B 215 -11.13 7.12 -23.33
N ILE B 216 -10.55 6.04 -23.87
CA ILE B 216 -9.24 5.63 -23.49
C ILE B 216 -8.17 6.49 -24.10
N HIS B 217 -7.34 7.09 -23.22
CA HIS B 217 -6.32 8.08 -23.57
C HIS B 217 -5.00 7.38 -23.86
N THR B 218 -4.51 6.49 -22.98
CA THR B 218 -3.23 5.83 -23.14
C THR B 218 -3.26 4.39 -22.61
N ILE B 219 -2.68 3.45 -23.35
CA ILE B 219 -2.57 2.07 -22.95
C ILE B 219 -1.14 1.73 -23.02
N LEU B 220 -0.54 1.41 -21.87
CA LEU B 220 0.81 0.96 -21.84
C LEU B 220 0.87 -0.51 -21.41
N VAL B 221 1.63 -1.34 -22.14
CA VAL B 221 1.84 -2.73 -21.78
C VAL B 221 3.34 -3.03 -21.84
N SER B 222 3.84 -3.73 -20.80
CA SER B 222 5.15 -4.26 -20.71
C SER B 222 4.98 -5.74 -20.69
N VAL B 223 5.60 -6.48 -21.58
CA VAL B 223 5.48 -7.91 -21.59
C VAL B 223 6.84 -8.63 -21.84
N GLN B 224 7.21 -9.55 -20.92
CA GLN B 224 8.43 -10.32 -21.01
C GLN B 224 8.33 -11.32 -22.13
N HIS B 225 9.46 -11.58 -22.80
CA HIS B 225 9.42 -12.42 -24.02
C HIS B 225 10.77 -13.14 -24.27
N ASP B 226 10.71 -14.23 -25.02
CA ASP B 226 11.94 -15.01 -25.41
C ASP B 226 12.76 -14.15 -26.30
N GLU B 227 14.06 -14.46 -26.40
CA GLU B 227 14.94 -13.68 -27.21
C GLU B 227 14.65 -13.72 -28.68
N ASN B 228 14.06 -14.81 -29.16
CA ASN B 228 13.83 -14.96 -30.59
C ASN B 228 12.57 -14.33 -31.13
N ILE B 229 11.92 -13.35 -30.43
CA ILE B 229 10.84 -12.61 -31.10
C ILE B 229 11.21 -11.18 -30.89
N GLU B 230 10.91 -10.35 -31.89
CA GLU B 230 11.23 -9.01 -31.75
C GLU B 230 10.02 -8.20 -31.29
N ASN B 231 10.33 -7.02 -30.74
CA ASN B 231 9.24 -6.12 -30.28
C ASN B 231 8.19 -5.76 -31.37
N GLU B 232 8.63 -5.63 -32.63
CA GLU B 232 7.66 -5.25 -33.70
C GLU B 232 6.53 -6.30 -33.83
N GLU B 233 6.97 -7.54 -33.64
CA GLU B 233 5.98 -8.61 -33.72
C GLU B 233 5.03 -8.57 -32.47
N ILE B 234 5.65 -8.36 -31.35
CA ILE B 234 4.98 -8.39 -30.07
C ILE B 234 3.88 -7.35 -30.14
N ARG B 235 4.20 -6.17 -30.65
CA ARG B 235 3.21 -5.10 -30.67
C ARG B 235 1.98 -5.41 -31.46
N GLU B 236 2.11 -6.08 -32.62
CA GLU B 236 1.00 -6.47 -33.39
C GLU B 236 0.13 -7.47 -32.60
N PHE B 237 0.77 -8.47 -32.03
CA PHE B 237 0.10 -9.51 -31.31
C PHE B 237 -0.72 -8.94 -30.12
N VAL B 238 -0.06 -8.15 -29.29
CA VAL B 238 -0.70 -7.57 -28.11
C VAL B 238 -1.86 -6.67 -28.53
N LEU B 239 -1.63 -5.83 -29.54
CA LEU B 239 -2.73 -4.97 -29.98
C LEU B 239 -3.89 -5.77 -30.47
N GLU B 240 -3.70 -6.77 -31.34
CA GLU B 240 -4.82 -7.44 -31.96
C GLU B 240 -5.48 -8.45 -31.05
N ASN B 241 -4.68 -9.18 -30.28
CA ASN B 241 -5.22 -10.31 -29.51
C ASN B 241 -5.50 -10.04 -28.05
N VAL B 242 -4.98 -8.90 -27.55
CA VAL B 242 -5.21 -8.50 -26.14
C VAL B 242 -5.92 -7.17 -26.00
N ILE B 243 -5.29 -6.09 -26.43
CA ILE B 243 -5.92 -4.82 -26.34
C ILE B 243 -7.27 -4.75 -26.97
N LYS B 244 -7.37 -5.14 -28.23
CA LYS B 244 -8.63 -5.07 -28.98
C LYS B 244 -9.62 -6.07 -28.48
N LYS B 245 -9.17 -7.07 -27.78
CA LYS B 245 -10.11 -8.06 -27.28
C LYS B 245 -10.79 -7.64 -25.99
N VAL B 246 -10.10 -6.86 -25.12
CA VAL B 246 -10.60 -6.49 -23.82
C VAL B 246 -11.01 -5.03 -23.63
N CYS B 247 -10.55 -4.13 -24.49
CA CYS B 247 -10.92 -2.75 -24.44
C CYS B 247 -12.07 -2.44 -25.42
N PRO B 248 -13.09 -1.68 -24.98
CA PRO B 248 -14.22 -1.51 -25.88
C PRO B 248 -13.89 -0.59 -27.03
N SER B 249 -14.29 -0.95 -28.25
CA SER B 249 -13.86 -0.19 -29.37
C SER B 249 -14.48 1.19 -29.39
N ASP B 250 -15.63 1.37 -28.78
CA ASP B 250 -16.25 2.70 -28.80
C ASP B 250 -15.48 3.66 -27.87
N LEU B 251 -14.63 3.11 -27.02
CA LEU B 251 -13.71 4.01 -26.23
C LEU B 251 -12.32 4.27 -26.82
N MET B 252 -11.99 3.67 -27.94
CA MET B 252 -10.70 3.84 -28.53
C MET B 252 -10.79 4.60 -29.84
N ASP B 253 -9.84 5.47 -30.06
CA ASP B 253 -9.90 6.26 -31.30
C ASP B 253 -8.51 6.42 -31.85
N LYS B 254 -8.35 7.15 -32.94
CA LYS B 254 -7.04 7.17 -33.59
C LYS B 254 -6.04 7.94 -32.76
N GLU B 255 -6.49 8.68 -31.74
CA GLU B 255 -5.55 9.41 -30.89
C GLU B 255 -5.11 8.59 -29.65
N THR B 256 -5.79 7.50 -29.32
CA THR B 256 -5.43 6.71 -28.17
C THR B 256 -3.98 6.32 -28.34
N ARG B 257 -3.17 6.64 -27.37
CA ARG B 257 -1.77 6.33 -27.40
C ARG B 257 -1.53 4.87 -26.97
N ILE B 258 -0.90 4.04 -27.80
CA ILE B 258 -0.61 2.67 -27.48
C ILE B 258 0.85 2.49 -27.35
N LEU B 259 1.31 2.08 -26.19
CA LEU B 259 2.71 1.93 -25.91
C LEU B 259 2.95 0.54 -25.50
N ILE B 260 3.79 -0.18 -26.25
CA ILE B 260 4.05 -1.63 -25.97
C ILE B 260 5.58 -1.88 -25.95
N ASN B 261 6.09 -2.26 -24.77
CA ASN B 261 7.53 -2.32 -24.57
C ASN B 261 8.22 -1.09 -25.20
N PRO B 262 7.78 0.11 -24.83
CA PRO B 262 8.37 1.28 -25.52
C PRO B 262 9.84 1.50 -25.29
N SER B 263 10.34 1.07 -24.14
CA SER B 263 11.76 1.33 -23.78
C SER B 263 12.69 0.37 -24.43
N GLY B 264 12.23 -0.75 -24.96
CA GLY B 264 13.15 -1.68 -25.55
C GLY B 264 12.74 -3.08 -25.20
N ARG B 265 13.62 -4.03 -25.42
CA ARG B 265 13.27 -5.43 -25.27
C ARG B 265 13.17 -5.83 -23.78
N PHE B 266 12.40 -6.85 -23.44
CA PHE B 266 12.20 -7.23 -22.07
C PHE B 266 12.35 -8.73 -22.03
N THR B 267 13.60 -9.17 -22.10
CA THR B 267 13.80 -10.61 -22.00
C THR B 267 14.18 -11.03 -20.61
N ILE B 268 14.90 -10.15 -19.94
CA ILE B 268 15.40 -10.42 -18.60
C ILE B 268 14.31 -9.95 -17.67
N GLY B 269 13.75 -10.86 -16.87
CA GLY B 269 12.72 -10.49 -15.92
C GLY B 269 12.52 -11.47 -14.76
N GLY B 270 11.35 -11.34 -14.09
CA GLY B 270 11.11 -12.14 -12.90
C GLY B 270 12.06 -11.79 -11.76
N PRO B 271 12.20 -12.67 -10.82
CA PRO B 271 13.00 -12.51 -9.61
C PRO B 271 14.47 -12.16 -9.89
N ALA B 272 14.96 -12.67 -11.01
CA ALA B 272 16.34 -12.37 -11.39
C ALA B 272 16.51 -10.89 -11.72
N ALA B 273 15.47 -10.25 -12.27
CA ALA B 273 15.51 -8.84 -12.57
C ALA B 273 15.04 -7.90 -11.45
N ASP B 274 14.25 -8.39 -10.47
CA ASP B 274 13.63 -7.51 -9.47
C ASP B 274 13.22 -8.34 -8.29
N ALA B 275 13.59 -7.99 -7.08
CA ALA B 275 13.11 -8.72 -5.94
C ALA B 275 11.56 -8.67 -5.84
N GLY B 276 10.97 -9.67 -5.25
CA GLY B 276 9.54 -9.67 -4.93
C GLY B 276 9.28 -9.98 -3.49
N LEU B 277 8.15 -9.46 -3.01
CA LEU B 277 7.73 -9.65 -1.67
C LEU B 277 6.20 -9.68 -1.65
N THR B 278 5.62 -10.43 -0.77
CA THR B 278 4.18 -10.40 -0.52
C THR B 278 3.71 -8.98 -0.08
N GLY B 279 2.55 -8.56 -0.56
CA GLY B 279 1.86 -7.38 -0.02
C GLY B 279 2.48 -6.10 -0.58
N ARG B 280 3.07 -6.20 -1.74
CA ARG B 280 3.72 -5.00 -2.49
C ARG B 280 2.94 -4.59 -3.74
N LYS B 281 1.65 -5.05 -3.84
CA LYS B 281 0.80 -4.74 -4.96
C LYS B 281 -0.60 -4.49 -4.45
N ILE B 282 -0.71 -3.75 -3.33
CA ILE B 282 -1.98 -3.62 -2.63
C ILE B 282 -3.00 -2.79 -3.39
N ILE B 283 -2.52 -1.88 -4.28
CA ILE B 283 -3.41 -1.05 -5.08
C ILE B 283 -3.87 -1.77 -6.34
N VAL B 284 -3.01 -2.56 -6.93
CA VAL B 284 -3.45 -3.49 -7.99
C VAL B 284 -4.48 -4.45 -7.44
N ASP B 285 -4.31 -4.88 -6.18
CA ASP B 285 -5.27 -5.90 -5.57
C ASP B 285 -6.62 -5.29 -5.26
N THR B 286 -6.70 -3.95 -5.28
CA THR B 286 -7.90 -3.26 -4.78
C THR B 286 -8.52 -2.35 -5.84
N TYR B 287 -8.32 -1.03 -5.91
CA TYR B 287 -9.06 -0.12 -6.72
C TYR B 287 -8.26 0.73 -7.69
N GLY B 288 -6.97 0.42 -7.84
CA GLY B 288 -6.21 1.09 -8.93
C GLY B 288 -6.04 2.55 -8.70
N GLY B 289 -6.05 2.97 -7.42
CA GLY B 289 -5.87 4.34 -7.12
C GLY B 289 -7.12 5.08 -6.79
N TRP B 290 -8.27 4.53 -7.14
CA TRP B 290 -9.52 5.14 -6.75
C TRP B 290 -9.82 4.77 -5.30
N GLY B 291 -10.76 5.49 -4.72
CA GLY B 291 -11.06 5.15 -3.39
C GLY B 291 -9.93 5.38 -2.42
N ALA B 292 -9.69 4.37 -1.59
CA ALA B 292 -8.64 4.57 -0.59
C ALA B 292 -8.13 3.17 -0.11
N HIS B 293 -7.07 3.16 0.71
CA HIS B 293 -6.56 1.93 1.23
C HIS B 293 -6.10 2.15 2.63
N GLY B 294 -6.39 1.23 3.52
CA GLY B 294 -5.84 1.31 4.84
C GLY B 294 -4.47 0.87 5.12
N GLY B 295 -3.88 0.18 4.16
CA GLY B 295 -2.47 -0.17 4.17
C GLY B 295 -2.15 -1.64 4.28
N GLY B 296 -3.16 -2.44 4.74
CA GLY B 296 -2.93 -3.86 4.94
C GLY B 296 -2.93 -4.72 3.68
N ALA B 297 -1.95 -5.58 3.55
CA ALA B 297 -2.00 -6.60 2.50
C ALA B 297 -3.05 -7.68 2.73
N PHE B 298 -3.40 -8.41 1.66
CA PHE B 298 -4.36 -9.50 1.80
C PHE B 298 -3.71 -10.87 1.81
N SER B 299 -2.76 -11.12 0.92
CA SER B 299 -2.27 -12.49 0.72
C SER B 299 -1.49 -13.07 1.85
N GLY B 300 -1.65 -14.39 2.05
CA GLY B 300 -1.05 -15.07 3.15
C GLY B 300 -1.76 -15.02 4.47
N LYS B 301 -2.91 -14.32 4.55
CA LYS B 301 -3.57 -14.08 5.77
C LYS B 301 -4.94 -14.80 5.83
N ASP B 302 -5.15 -15.56 6.94
CA ASP B 302 -6.41 -16.16 7.11
C ASP B 302 -7.44 -15.11 7.47
N ALA B 303 -8.70 -15.54 7.52
CA ALA B 303 -9.79 -14.59 7.73
C ALA B 303 -9.86 -13.87 9.03
N THR B 304 -9.15 -14.31 10.06
CA THR B 304 -9.13 -13.54 11.29
C THR B 304 -8.31 -12.28 11.14
N LYS B 305 -7.57 -12.18 10.06
CA LYS B 305 -6.83 -10.87 9.80
C LYS B 305 -7.80 -9.91 9.22
N VAL B 306 -8.29 -8.93 10.02
CA VAL B 306 -9.18 -7.95 9.53
C VAL B 306 -8.70 -7.09 8.37
N ASP B 307 -7.42 -7.05 8.15
CA ASP B 307 -6.93 -6.36 6.95
C ASP B 307 -7.59 -6.92 5.67
N ARG B 308 -7.79 -8.22 5.67
CA ARG B 308 -8.43 -8.93 4.51
C ARG B 308 -9.92 -8.94 4.70
N SER B 309 -10.37 -9.60 5.79
CA SER B 309 -11.79 -9.74 5.97
C SER B 309 -12.64 -8.46 6.06
N GLY B 310 -12.10 -7.49 6.73
CA GLY B 310 -12.74 -6.18 6.80
C GLY B 310 -12.82 -5.47 5.49
N ALA B 311 -11.76 -5.56 4.70
CA ALA B 311 -11.82 -4.96 3.34
C ALA B 311 -12.82 -5.66 2.47
N TYR B 312 -12.90 -6.98 2.62
CA TYR B 312 -13.87 -7.73 1.82
C TYR B 312 -15.32 -7.34 2.18
N MET B 313 -15.59 -7.27 3.50
CA MET B 313 -16.90 -6.82 3.93
C MET B 313 -17.20 -5.38 3.46
N ALA B 314 -16.20 -4.52 3.58
CA ALA B 314 -16.43 -3.15 3.16
C ALA B 314 -16.71 -3.04 1.66
N ARG B 315 -16.08 -3.89 0.82
CA ARG B 315 -16.43 -3.98 -0.59
C ARG B 315 -17.86 -4.37 -0.72
N LEU B 316 -18.28 -5.42 -0.02
CA LEU B 316 -19.68 -5.88 -0.18
C LEU B 316 -20.68 -4.74 0.14
N VAL B 317 -20.39 -3.99 1.18
CA VAL B 317 -21.27 -2.87 1.55
C VAL B 317 -21.29 -1.82 0.39
N ALA B 318 -20.15 -1.33 -0.03
CA ALA B 318 -20.07 -0.32 -1.07
C ALA B 318 -20.78 -0.84 -2.29
N LYS B 319 -20.45 -2.07 -2.69
CA LYS B 319 -21.07 -2.65 -3.89
C LYS B 319 -22.63 -2.77 -3.73
N SER B 320 -23.07 -3.17 -2.58
CA SER B 320 -24.53 -3.29 -2.34
C SER B 320 -25.25 -1.93 -2.41
N ILE B 321 -24.58 -0.88 -1.89
CA ILE B 321 -25.15 0.44 -1.98
C ILE B 321 -25.31 0.93 -3.41
N VAL B 322 -24.28 0.76 -4.23
CA VAL B 322 -24.35 1.16 -5.63
C VAL B 322 -25.31 0.25 -6.40
N PHE B 323 -25.26 -1.07 -6.16
CA PHE B 323 -26.10 -2.03 -6.90
C PHE B 323 -27.57 -1.76 -6.61
N SER B 324 -27.86 -1.33 -5.42
CA SER B 324 -29.24 -0.99 -5.04
C SER B 324 -29.79 0.35 -5.60
N GLY B 325 -28.95 1.08 -6.32
CA GLY B 325 -29.31 2.37 -6.90
C GLY B 325 -29.37 3.53 -5.91
N LEU B 326 -28.78 3.40 -4.72
CA LEU B 326 -28.83 4.47 -3.74
C LEU B 326 -27.77 5.53 -3.96
N CYS B 327 -26.79 5.22 -4.80
CA CYS B 327 -25.83 6.17 -5.20
C CYS B 327 -25.12 5.65 -6.48
N SER B 328 -24.23 6.45 -7.02
CA SER B 328 -23.42 6.04 -8.18
C SER B 328 -21.98 5.60 -7.84
N ARG B 329 -21.47 6.11 -6.72
CA ARG B 329 -20.11 5.81 -6.25
C ARG B 329 -20.15 5.81 -4.75
N CYS B 330 -19.41 4.94 -4.11
CA CYS B 330 -19.42 4.78 -2.62
C CYS B 330 -18.08 4.34 -2.06
N LEU B 331 -17.59 5.04 -1.05
CA LEU B 331 -16.46 4.67 -0.23
C LEU B 331 -16.84 4.36 1.17
N VAL B 332 -16.39 3.23 1.69
CA VAL B 332 -16.65 2.82 3.03
C VAL B 332 -15.34 2.65 3.79
N GLN B 333 -15.21 3.21 5.02
CA GLN B 333 -14.07 2.88 5.88
C GLN B 333 -14.58 2.21 7.16
N VAL B 334 -13.95 1.09 7.55
CA VAL B 334 -14.12 0.49 8.87
C VAL B 334 -12.82 0.49 9.60
N SER B 335 -12.86 0.65 10.90
N SER B 335 -12.80 0.68 10.90
CA SER B 335 -11.67 0.66 11.70
CA SER B 335 -11.55 0.52 11.63
C SER B 335 -11.84 -0.28 12.89
C SER B 335 -11.80 -0.26 12.88
N TYR B 336 -10.78 -0.94 13.34
CA TYR B 336 -10.86 -1.90 14.41
C TYR B 336 -9.84 -1.59 15.45
N GLY B 337 -10.03 -2.15 16.64
CA GLY B 337 -8.94 -2.20 17.67
C GLY B 337 -8.70 -3.64 18.04
N ALA B 338 -7.44 -4.01 18.31
CA ALA B 338 -7.06 -5.38 18.68
C ALA B 338 -7.83 -5.77 19.93
N GLY B 339 -8.52 -6.89 19.84
CA GLY B 339 -9.18 -7.48 20.99
C GLY B 339 -10.63 -7.07 21.11
N ILE B 340 -11.09 -6.19 20.25
CA ILE B 340 -12.38 -5.55 20.37
C ILE B 340 -13.24 -6.04 19.21
N ALA B 341 -14.44 -6.55 19.53
CA ALA B 341 -15.28 -7.08 18.47
C ALA B 341 -15.96 -6.05 17.56
N ARG B 342 -16.58 -5.01 18.15
CA ARG B 342 -17.28 -4.09 17.33
C ARG B 342 -16.22 -3.11 16.77
N PRO B 343 -16.41 -2.67 15.54
CA PRO B 343 -15.47 -1.67 14.95
C PRO B 343 -15.46 -0.41 15.78
N LEU B 344 -14.27 0.18 15.84
CA LEU B 344 -14.12 1.52 16.48
C LEU B 344 -14.79 2.61 15.70
N SER B 345 -14.90 2.52 14.37
CA SER B 345 -15.64 3.46 13.57
C SER B 345 -16.06 2.90 12.22
N LEU B 346 -17.04 3.54 11.64
CA LEU B 346 -17.56 3.22 10.32
C LEU B 346 -17.88 4.55 9.65
N TYR B 347 -17.59 4.64 8.38
CA TYR B 347 -17.71 5.86 7.55
C TYR B 347 -18.24 5.46 6.17
N ILE B 348 -19.10 6.28 5.61
CA ILE B 348 -19.70 6.10 4.27
C ILE B 348 -19.64 7.45 3.56
N ASN B 349 -19.08 7.49 2.37
CA ASN B 349 -19.09 8.62 1.52
C ASN B 349 -19.63 8.27 0.15
N THR B 350 -20.60 9.03 -0.36
CA THR B 350 -21.11 8.84 -1.70
C THR B 350 -20.82 9.94 -2.67
N PHE B 351 -19.88 10.79 -2.30
CA PHE B 351 -19.33 11.78 -3.28
C PHE B 351 -20.41 12.68 -3.93
N GLY B 352 -21.49 12.94 -3.19
CA GLY B 352 -22.62 13.73 -3.70
C GLY B 352 -23.52 12.99 -4.63
N THR B 353 -23.36 11.66 -4.80
CA THR B 353 -24.14 10.95 -5.79
C THR B 353 -25.35 10.25 -5.19
N ALA B 354 -25.65 10.46 -3.91
CA ALA B 354 -26.75 9.76 -3.27
C ALA B 354 -28.07 10.12 -3.93
N LYS B 355 -28.91 9.13 -4.03
CA LYS B 355 -30.26 9.23 -4.60
C LYS B 355 -31.10 10.17 -3.77
N ASP B 356 -32.06 10.81 -4.42
CA ASP B 356 -32.97 11.74 -3.73
C ASP B 356 -33.58 11.08 -2.53
N GLY B 357 -33.54 11.75 -1.38
CA GLY B 357 -34.11 11.21 -0.14
C GLY B 357 -33.11 10.44 0.68
N TYR B 358 -31.91 10.23 0.15
CA TYR B 358 -30.83 9.61 0.95
C TYR B 358 -29.65 10.55 1.13
N ASN B 359 -28.91 10.38 2.22
CA ASN B 359 -27.62 11.07 2.37
C ASN B 359 -26.73 10.09 3.11
N ASP B 360 -25.51 10.51 3.43
CA ASP B 360 -24.56 9.57 3.92
C ASP B 360 -24.87 9.25 5.38
N THR B 361 -25.51 10.22 6.09
CA THR B 361 -26.05 9.90 7.41
C THR B 361 -27.06 8.73 7.38
N LYS B 362 -28.06 8.82 6.51
CA LYS B 362 -29.07 7.79 6.41
C LYS B 362 -28.52 6.49 5.90
N LEU B 363 -27.54 6.56 5.03
CA LEU B 363 -27.01 5.32 4.49
C LEU B 363 -26.23 4.58 5.55
N LEU B 364 -25.49 5.32 6.39
CA LEU B 364 -24.87 4.67 7.51
C LEU B 364 -25.85 4.00 8.42
N GLU B 365 -26.98 4.64 8.68
CA GLU B 365 -27.97 4.00 9.49
C GLU B 365 -28.50 2.71 8.87
N ILE B 366 -28.73 2.72 7.57
CA ILE B 366 -29.14 1.52 6.82
C ILE B 366 -28.07 0.38 6.85
N VAL B 367 -26.82 0.76 6.67
CA VAL B 367 -25.72 -0.19 6.76
C VAL B 367 -25.70 -0.84 8.15
N ASN B 368 -25.89 -0.02 9.20
CA ASN B 368 -25.85 -0.57 10.54
C ASN B 368 -27.05 -1.50 10.82
N LYS B 369 -28.15 -1.37 10.10
CA LYS B 369 -29.25 -2.31 10.26
C LYS B 369 -29.03 -3.61 9.55
N VAL B 370 -28.20 -3.61 8.50
CA VAL B 370 -28.10 -4.77 7.64
C VAL B 370 -26.79 -5.55 7.79
N PHE B 371 -25.69 -4.83 8.06
CA PHE B 371 -24.39 -5.47 7.94
C PHE B 371 -23.76 -5.56 9.30
N ASP B 372 -22.97 -6.59 9.52
CA ASP B 372 -22.34 -6.74 10.80
C ASP B 372 -20.88 -6.85 10.62
N PHE B 373 -20.12 -5.86 11.09
CA PHE B 373 -18.69 -5.98 10.93
C PHE B 373 -17.88 -6.63 12.07
N ARG B 374 -18.55 -7.31 13.04
CA ARG B 374 -17.80 -8.00 14.07
C ARG B 374 -17.14 -9.20 13.39
N PRO B 375 -15.89 -9.42 13.65
CA PRO B 375 -15.15 -10.34 12.80
C PRO B 375 -15.65 -11.78 12.80
N GLY B 376 -16.11 -12.22 13.97
CA GLY B 376 -16.66 -13.61 13.92
C GLY B 376 -17.84 -13.77 12.98
N ILE B 377 -18.70 -12.76 12.92
CA ILE B 377 -19.88 -12.76 12.09
C ILE B 377 -19.52 -12.63 10.66
N LEU B 378 -18.70 -11.67 10.37
CA LEU B 378 -18.27 -11.47 8.97
C LEU B 378 -17.57 -12.72 8.33
N ILE B 379 -16.73 -13.41 9.07
CA ILE B 379 -16.07 -14.54 8.57
C ILE B 379 -17.03 -15.69 8.21
N LYS B 380 -18.02 -15.82 9.06
CA LYS B 380 -19.10 -16.84 8.77
C LYS B 380 -19.95 -16.42 7.58
N GLN B 381 -20.38 -15.15 7.54
CA GLN B 381 -21.18 -14.69 6.41
C GLN B 381 -20.51 -14.79 5.07
N LEU B 382 -19.21 -14.57 4.99
CA LEU B 382 -18.43 -14.54 3.76
C LEU B 382 -17.73 -15.90 3.47
N ASN B 383 -18.02 -16.91 4.32
CA ASN B 383 -17.39 -18.23 4.14
C ASN B 383 -15.89 -18.23 4.01
N LEU B 384 -15.23 -17.40 4.82
CA LEU B 384 -13.84 -17.17 4.68
C LEU B 384 -12.89 -18.23 5.26
N LYS B 385 -13.40 -19.35 5.84
CA LYS B 385 -12.56 -20.45 6.22
C LYS B 385 -12.42 -21.54 5.11
N SER B 386 -12.92 -21.25 3.94
CA SER B 386 -12.88 -22.10 2.77
C SER B 386 -11.64 -21.81 1.95
N PRO B 387 -11.10 -22.81 1.23
CA PRO B 387 -9.87 -22.58 0.55
C PRO B 387 -10.06 -21.90 -0.84
N ILE B 388 -10.38 -20.59 -0.84
CA ILE B 388 -10.83 -19.90 -2.00
C ILE B 388 -9.79 -18.80 -2.35
N PHE B 389 -8.73 -18.72 -1.59
CA PHE B 389 -7.89 -17.50 -1.72
C PHE B 389 -6.84 -17.46 -2.81
N LYS B 390 -6.31 -18.63 -3.25
CA LYS B 390 -5.35 -18.60 -4.27
C LYS B 390 -5.86 -17.86 -5.52
N LYS B 391 -7.15 -18.05 -5.85
CA LYS B 391 -7.69 -17.42 -7.05
C LYS B 391 -7.73 -15.85 -6.91
N THR B 392 -7.79 -15.33 -5.68
CA THR B 392 -7.83 -13.89 -5.47
C THR B 392 -6.47 -13.22 -5.69
N SER B 393 -5.38 -14.00 -5.66
CA SER B 393 -4.02 -13.41 -5.52
C SER B 393 -3.38 -12.94 -6.81
N SER B 394 -4.07 -13.11 -7.91
CA SER B 394 -3.79 -12.44 -9.16
CA SER B 394 -3.78 -12.41 -9.12
C SER B 394 -5.12 -12.05 -9.79
N GLY B 395 -5.17 -10.91 -10.48
CA GLY B 395 -6.34 -10.52 -11.15
C GLY B 395 -7.23 -9.55 -10.41
N GLY B 396 -6.79 -9.19 -9.21
CA GLY B 396 -7.58 -8.30 -8.39
C GLY B 396 -8.50 -9.03 -7.45
N HIS B 397 -8.69 -8.55 -6.22
CA HIS B 397 -9.61 -9.17 -5.31
C HIS B 397 -11.07 -8.74 -5.51
N PHE B 398 -11.34 -7.65 -6.24
CA PHE B 398 -12.64 -7.05 -6.36
C PHE B 398 -13.07 -6.95 -7.85
N GLY B 399 -14.35 -6.91 -8.09
CA GLY B 399 -14.83 -6.86 -9.45
C GLY B 399 -14.88 -8.27 -10.05
N ARG B 400 -14.82 -9.28 -9.23
CA ARG B 400 -14.55 -10.66 -9.66
C ARG B 400 -15.93 -11.40 -9.80
N SER B 401 -16.00 -12.29 -10.78
CA SER B 401 -17.27 -12.98 -11.04
C SER B 401 -17.40 -14.33 -10.33
N GLU B 402 -16.33 -14.86 -9.81
CA GLU B 402 -16.30 -16.24 -9.26
C GLU B 402 -17.33 -16.46 -8.20
N LYS B 403 -18.01 -17.63 -8.27
CA LYS B 403 -19.13 -17.80 -7.43
C LYS B 403 -18.75 -17.89 -5.96
N GLU B 404 -17.50 -18.26 -5.73
CA GLU B 404 -17.09 -18.49 -4.39
C GLU B 404 -16.74 -17.17 -3.63
N PHE B 405 -16.70 -16.08 -4.37
CA PHE B 405 -16.45 -14.73 -3.72
C PHE B 405 -17.72 -13.99 -3.28
N LEU B 406 -18.19 -14.24 -2.08
CA LEU B 406 -19.46 -13.74 -1.58
C LEU B 406 -19.47 -12.26 -1.37
N TRP B 407 -18.25 -11.68 -1.26
CA TRP B 407 -18.16 -10.19 -1.13
C TRP B 407 -18.48 -9.44 -2.40
N GLU B 408 -18.71 -10.16 -3.55
CA GLU B 408 -19.07 -9.60 -4.84
C GLU B 408 -20.55 -9.88 -5.17
N LYS B 409 -21.32 -10.39 -4.20
CA LYS B 409 -22.74 -10.74 -4.47
C LYS B 409 -23.63 -9.77 -3.66
N PRO B 410 -24.05 -8.68 -4.28
CA PRO B 410 -24.62 -7.57 -3.54
C PRO B 410 -26.00 -7.86 -3.00
N ILE B 411 -26.30 -7.15 -1.90
CA ILE B 411 -27.58 -7.19 -1.17
C ILE B 411 -28.40 -6.04 -1.65
N ILE B 412 -29.74 -6.25 -1.82
CA ILE B 412 -30.62 -5.09 -2.10
C ILE B 412 -30.97 -4.34 -0.82
N LEU B 413 -30.63 -3.06 -0.78
CA LEU B 413 -30.84 -2.17 0.32
C LEU B 413 -31.84 -1.09 -0.10
N GLN B 414 -32.57 -0.68 0.93
CA GLN B 414 -33.32 0.50 0.89
C GLN B 414 -33.55 0.94 2.30
MG MG C . 3.03 -6.27 8.71
MG MG D . 5.70 -0.29 -8.39
P PO4 E . 0.48 -5.33 6.89
O1 PO4 E . -0.33 -6.38 7.66
O2 PO4 E . -0.02 -4.01 7.33
O3 PO4 E . 1.92 -5.72 7.24
O4 PO4 E . -0.01 -5.89 5.54
P PO4 F . 0.90 -5.26 11.00
O1 PO4 F . 1.27 -5.26 12.45
O2 PO4 F . 0.11 -4.02 10.88
O3 PO4 F . 0.03 -6.52 10.70
O4 PO4 F . 2.07 -5.29 9.99
MG MG G . 8.11 -4.45 -6.36
MG MG H . -1.64 -3.76 9.27
P PO4 I . 7.55 -2.99 -9.22
O1 PO4 I . 7.49 -3.92 -7.97
O2 PO4 I . 6.31 -2.23 -9.57
O3 PO4 I . 8.64 -1.88 -8.92
O4 PO4 I . 7.86 -3.65 -10.56
P PO4 J . 6.69 -1.59 -5.40
O1 PO4 J . 7.08 -0.86 -4.09
O2 PO4 J . 5.55 -1.32 -6.29
O3 PO4 J . 7.15 -3.04 -5.33
O4 PO4 J . 7.81 -0.88 -6.16
#